data_7QAZ
#
_entry.id   7QAZ
#
_cell.length_a   227.910
_cell.length_b   39.620
_cell.length_c   79.770
_cell.angle_alpha   90.000
_cell.angle_beta   90.000
_cell.angle_gamma   90.000
#
_symmetry.space_group_name_H-M   'P 21 21 21'
#
loop_
_entity.id
_entity.type
_entity.pdbx_description
1 polymer 'TPR_REGION domain-containing protein'
2 polymer 'Templating strand'
3 non-polymer 'COBALT (II) ION'
4 non-polymer "2'-deoxy-5'-O-[(R)-hydroxy{[(R)-hydroxy(phosphonooxy)phosphoryl]amino}phosphoryl]adenosine"
5 non-polymer "GUANOSINE-5'-TRIPHOSPHATE"
6 water water
#
loop_
_entity_poly.entity_id
_entity_poly.type
_entity_poly.pdbx_seq_one_letter_code
_entity_poly.pdbx_strand_id
1 'polypeptide(L)'
;GPSQNAIKRFMTLFSGREDVFSIQYEGGYRPIRRPLNFQDIKNHFSGKKTLGIYLLKKNDTVKFAAYDIDIKKHYLNRED
KFVYEENSKKVAKRLSRELNLENITHYFEFTGNRGYHIWIFFDIPVSAYKIKYIMEKILDRIELEEGIDVEIFPKQTSLN
GGLGNLIKVPLGVHKKTGKKCLFVDNDFNVIENQIEFLNNIKENKATEINKLFREIFNE
;
A,B,C
2 'polydeoxyribonucleotide' (DA)(DA)(DA)(DA)(DA)(DT)(DC)(DA)(DA) D
#
loop_
_chem_comp.id
_chem_comp.type
_chem_comp.name
_chem_comp.formula
CO non-polymer 'COBALT (II) ION' 'Co 2'
DA DNA linking 2'-DEOXYADENOSINE-5'-MONOPHOSPHATE 'C10 H14 N5 O6 P'
DC DNA linking 2'-DEOXYCYTIDINE-5'-MONOPHOSPHATE 'C9 H14 N3 O7 P'
DT DNA linking THYMIDINE-5'-MONOPHOSPHATE 'C10 H15 N2 O8 P'
DZ4 non-polymer 2'-deoxy-5'-O-[(R)-hydroxy{[(R)-hydroxy(phosphonooxy)phosphoryl]amino}phosphoryl]adenosine 'C10 H17 N6 O11 P3'
GTP non-polymer GUANOSINE-5'-TRIPHOSPHATE 'C10 H16 N5 O14 P3'
#
# COMPACT_ATOMS: atom_id res chain seq x y z
N GLY A 1 40.65 23.92 13.09
CA GLY A 1 39.59 22.92 12.93
C GLY A 1 38.51 22.99 13.98
N PRO A 2 37.75 21.91 14.16
CA PRO A 2 36.60 21.98 15.06
C PRO A 2 37.02 22.11 16.51
N SER A 3 36.13 22.72 17.29
CA SER A 3 36.43 22.91 18.69
C SER A 3 36.27 21.59 19.45
N GLN A 4 36.87 21.53 20.63
CA GLN A 4 36.81 20.32 21.45
C GLN A 4 35.38 19.94 21.77
N ASN A 5 34.54 20.92 22.09
CA ASN A 5 33.16 20.62 22.43
C ASN A 5 32.38 20.16 21.20
N ALA A 6 32.65 20.74 20.04
CA ALA A 6 32.04 20.25 18.82
C ALA A 6 32.46 18.80 18.56
N ILE A 7 33.74 18.47 18.83
CA ILE A 7 34.20 17.11 18.57
C ILE A 7 33.45 16.11 19.46
N LYS A 8 33.35 16.42 20.75
CA LYS A 8 32.67 15.56 21.71
C LYS A 8 31.18 15.42 21.38
N ARG A 9 30.53 16.52 21.01
CA ARG A 9 29.13 16.47 20.56
C ARG A 9 28.97 15.54 19.37
N PHE A 10 29.78 15.76 18.33
CA PHE A 10 29.74 14.90 17.15
C PHE A 10 29.95 13.44 17.54
N MET A 11 30.84 13.20 18.50
CA MET A 11 31.11 11.82 18.95
C MET A 11 29.88 11.20 19.61
N THR A 12 29.18 11.98 20.44
CA THR A 12 28.05 11.44 21.19
C THR A 12 26.89 11.11 20.26
N LEU A 13 26.57 12.02 19.34
CA LEU A 13 25.43 11.82 18.45
C LEU A 13 25.68 10.70 17.46
N PHE A 14 26.86 10.68 16.84
CA PHE A 14 27.13 9.70 15.78
C PHE A 14 27.83 8.46 16.34
N SER A 15 27.27 7.96 17.44
CA SER A 15 27.86 6.87 18.21
C SER A 15 27.33 5.55 17.68
N GLY A 16 28.17 4.82 16.93
CA GLY A 16 27.78 3.54 16.40
C GLY A 16 28.50 2.40 17.08
N ARG A 17 28.95 1.42 16.27
CA ARG A 17 29.72 0.30 16.79
C ARG A 17 30.91 0.80 17.62
N GLU A 18 31.13 0.14 18.76
CA GLU A 18 32.06 0.65 19.75
C GLU A 18 33.52 0.50 19.32
N ASP A 19 33.85 -0.56 18.58
CA ASP A 19 35.24 -0.91 18.34
C ASP A 19 35.65 -0.93 16.86
N VAL A 20 34.75 -0.60 15.93
CA VAL A 20 35.05 -0.56 14.50
C VAL A 20 34.34 0.63 13.87
N PHE A 21 35.03 1.32 12.97
CA PHE A 21 34.41 2.27 12.06
C PHE A 21 35.04 2.06 10.68
N SER A 22 34.76 2.97 9.74
CA SER A 22 35.30 2.85 8.40
C SER A 22 35.69 4.22 7.84
N ILE A 23 36.60 4.19 6.87
CA ILE A 23 37.06 5.39 6.17
C ILE A 23 36.77 5.22 4.68
N GLN A 24 36.31 6.30 4.05
CA GLN A 24 35.95 6.27 2.64
C GLN A 24 37.21 6.37 1.78
N TYR A 25 37.32 5.46 0.81
CA TYR A 25 38.42 5.47 -0.15
C TYR A 25 37.82 5.43 -1.56
N GLU A 26 38.66 5.22 -2.58
CA GLU A 26 38.19 5.35 -3.95
C GLU A 26 37.13 4.30 -4.29
N GLY A 27 37.40 3.03 -4.00
CA GLY A 27 36.50 1.96 -4.36
C GLY A 27 35.51 1.50 -3.32
N GLY A 28 35.37 2.20 -2.20
CA GLY A 28 34.39 1.79 -1.19
C GLY A 28 34.69 2.45 0.15
N TYR A 29 34.35 1.73 1.21
CA TYR A 29 34.72 2.13 2.57
C TYR A 29 35.54 1.02 3.18
N ARG A 30 36.58 1.40 3.90
CA ARG A 30 37.52 0.44 4.47
C ARG A 30 37.26 0.30 5.96
N PRO A 31 37.03 -0.92 6.49
CA PRO A 31 36.84 -1.06 7.93
C PRO A 31 38.12 -0.74 8.70
N ILE A 32 37.98 0.01 9.80
CA ILE A 32 39.09 0.39 10.66
C ILE A 32 38.86 -0.26 12.02
N ARG A 33 39.64 -1.28 12.35
CA ARG A 33 39.35 -2.09 13.53
C ARG A 33 40.05 -1.52 14.76
N ARG A 34 39.56 -0.35 15.18
CA ARG A 34 39.92 0.25 16.47
C ARG A 34 38.83 1.25 16.84
N PRO A 35 38.73 1.61 18.11
CA PRO A 35 37.66 2.56 18.51
C PRO A 35 37.91 3.93 17.91
N LEU A 36 36.81 4.60 17.56
CA LEU A 36 36.91 5.95 17.02
C LEU A 36 37.45 6.93 18.06
N ASN A 37 38.43 7.74 17.69
CA ASN A 37 38.95 8.75 18.62
C ASN A 37 38.79 10.16 18.05
N PHE A 38 39.11 11.15 18.91
CA PHE A 38 38.89 12.56 18.56
C PHE A 38 39.64 12.97 17.30
N GLN A 39 40.87 12.47 17.15
CA GLN A 39 41.63 12.82 15.96
C GLN A 39 40.90 12.34 14.71
N ASP A 40 40.25 11.18 14.79
CA ASP A 40 39.50 10.66 13.65
C ASP A 40 38.41 11.63 13.23
N ILE A 41 37.74 12.24 14.21
CA ILE A 41 36.71 13.24 13.90
C ILE A 41 37.34 14.50 13.32
N LYS A 42 38.50 14.90 13.85
CA LYS A 42 39.19 16.06 13.27
C LYS A 42 39.56 15.80 11.82
N ASN A 43 40.07 14.60 11.52
CA ASN A 43 40.43 14.25 10.15
C ASN A 43 39.23 14.16 9.24
N HIS A 44 38.08 13.79 9.80
CA HIS A 44 36.86 13.83 9.01
C HIS A 44 36.48 15.28 8.70
N PHE A 45 36.49 16.14 9.71
CA PHE A 45 36.11 17.54 9.51
C PHE A 45 37.04 18.25 8.54
N SER A 46 38.31 17.91 8.54
CA SER A 46 39.28 18.60 7.70
C SER A 46 39.27 18.10 6.27
N GLY A 47 38.39 17.16 5.94
CA GLY A 47 38.34 16.56 4.62
C GLY A 47 39.45 15.57 4.33
N LYS A 48 40.24 15.17 5.32
CA LYS A 48 41.33 14.25 5.04
C LYS A 48 40.85 12.80 4.99
N LYS A 49 39.99 12.38 5.91
CA LYS A 49 39.58 10.98 5.97
C LYS A 49 38.12 10.93 6.40
N THR A 50 37.23 10.58 5.47
CA THR A 50 35.79 10.64 5.68
C THR A 50 35.30 9.36 6.34
N LEU A 51 34.53 9.53 7.41
CA LEU A 51 34.12 8.43 8.27
C LEU A 51 32.82 7.81 7.79
N GLY A 52 32.78 6.48 7.81
CA GLY A 52 31.52 5.76 7.71
C GLY A 52 31.28 5.06 9.03
N ILE A 53 30.15 5.32 9.67
CA ILE A 53 29.90 4.80 11.00
C ILE A 53 28.96 3.60 10.89
N TYR A 54 29.37 2.47 11.49
CA TYR A 54 28.50 1.31 11.55
C TYR A 54 27.43 1.59 12.60
N LEU A 55 26.18 1.75 12.15
CA LEU A 55 25.08 2.11 13.03
C LEU A 55 24.96 1.14 14.20
N LEU A 56 25.07 -0.16 13.92
CA LEU A 56 24.67 -1.18 14.88
C LEU A 56 25.76 -1.37 15.92
N LYS A 57 25.41 -1.18 17.18
CA LYS A 57 26.28 -1.56 18.29
C LYS A 57 26.19 -3.06 18.53
N LYS A 58 27.08 -3.55 19.40
CA LYS A 58 27.19 -4.99 19.63
C LYS A 58 25.90 -5.60 20.16
N ASN A 59 25.10 -4.85 20.91
CA ASN A 59 23.83 -5.39 21.41
C ASN A 59 22.67 -5.21 20.44
N ASP A 60 22.98 -4.97 19.15
CA ASP A 60 21.97 -4.72 18.12
C ASP A 60 21.08 -3.53 18.47
N THR A 61 21.68 -2.46 18.99
CA THR A 61 20.95 -1.23 19.18
C THR A 61 21.62 -0.12 18.36
N VAL A 62 20.88 0.98 18.17
CA VAL A 62 21.40 2.17 17.52
C VAL A 62 21.10 3.40 18.37
N LYS A 63 22.06 4.33 18.42
CA LYS A 63 21.85 5.65 18.98
C LYS A 63 21.35 6.66 17.96
N PHE A 64 21.41 6.31 16.68
CA PHE A 64 20.91 7.19 15.62
C PHE A 64 20.42 6.34 14.45
N ALA A 65 19.70 6.99 13.53
CA ALA A 65 19.18 6.33 12.34
C ALA A 65 19.02 7.39 11.28
N ALA A 66 18.83 6.96 10.03
CA ALA A 66 18.71 7.95 8.96
C ALA A 66 17.92 7.38 7.79
N TYR A 67 17.16 8.27 7.14
CA TYR A 67 16.66 8.05 5.78
C TYR A 67 17.70 8.56 4.81
N ASP A 68 17.96 7.79 3.77
CA ASP A 68 18.86 8.17 2.68
C ASP A 68 18.00 8.38 1.43
N ILE A 69 17.83 9.64 1.02
CA ILE A 69 17.05 9.96 -0.16
C ILE A 69 17.98 10.24 -1.32
N ASP A 70 17.77 9.53 -2.43
CA ASP A 70 18.73 9.42 -3.51
C ASP A 70 18.11 9.75 -4.85
N ILE A 71 18.84 10.50 -5.67
CA ILE A 71 18.58 10.48 -7.10
C ILE A 71 19.17 9.21 -7.67
N LYS A 72 18.33 8.44 -8.37
CA LYS A 72 18.78 7.18 -8.95
C LYS A 72 19.93 7.45 -9.92
N LYS A 73 20.96 6.59 -9.83
CA LYS A 73 22.20 6.80 -10.58
C LYS A 73 21.96 7.01 -12.06
N HIS A 74 20.92 6.40 -12.63
CA HIS A 74 20.66 6.54 -14.06
C HIS A 74 19.85 7.80 -14.39
N TYR A 75 19.34 8.51 -13.41
CA TYR A 75 18.65 9.79 -13.59
C TYR A 75 19.58 10.98 -13.44
N LEU A 76 20.88 10.75 -13.19
CA LEU A 76 21.80 11.84 -12.90
C LEU A 76 22.24 12.58 -14.16
N ASN A 77 22.60 11.84 -15.21
CA ASN A 77 23.27 12.43 -16.36
C ASN A 77 22.27 12.81 -17.45
N ARG A 78 21.42 13.79 -17.13
CA ARG A 78 20.47 14.33 -18.07
C ARG A 78 20.33 15.82 -17.80
N GLU A 79 19.87 16.56 -18.83
CA GLU A 79 19.71 18.01 -18.70
C GLU A 79 18.61 18.43 -17.73
N ASP A 80 17.62 17.57 -17.48
CA ASP A 80 16.59 17.88 -16.50
C ASP A 80 16.86 17.24 -15.14
N LYS A 81 18.14 17.05 -14.77
CA LYS A 81 18.46 16.50 -13.45
C LYS A 81 17.86 17.34 -12.33
N PHE A 82 17.72 18.65 -12.54
CA PHE A 82 17.23 19.52 -11.48
C PHE A 82 15.80 19.19 -11.09
N VAL A 83 14.99 18.66 -12.02
CA VAL A 83 13.67 18.16 -11.67
C VAL A 83 13.79 17.06 -10.63
N TYR A 84 14.87 16.27 -10.69
CA TYR A 84 15.03 15.15 -9.77
C TYR A 84 15.69 15.57 -8.47
N GLU A 85 16.56 16.59 -8.49
CA GLU A 85 16.93 17.25 -7.24
C GLU A 85 15.69 17.81 -6.54
N GLU A 86 14.81 18.49 -7.29
CA GLU A 86 13.58 18.98 -6.69
C GLU A 86 12.72 17.83 -6.18
N ASN A 87 12.64 16.73 -6.93
CA ASN A 87 11.91 15.55 -6.46
C ASN A 87 12.49 15.02 -5.15
N SER A 88 13.82 14.96 -5.04
CA SER A 88 14.44 14.46 -3.80
C SER A 88 14.08 15.34 -2.62
N LYS A 89 14.00 16.66 -2.83
CA LYS A 89 13.59 17.55 -1.75
C LYS A 89 12.13 17.33 -1.39
N LYS A 90 11.28 17.11 -2.42
CA LYS A 90 9.86 16.88 -2.18
C LYS A 90 9.64 15.67 -1.29
N VAL A 91 10.35 14.59 -1.57
CA VAL A 91 10.21 13.36 -0.79
C VAL A 91 10.81 13.56 0.60
N ALA A 92 11.91 14.30 0.68
CA ALA A 92 12.46 14.68 1.98
C ALA A 92 11.43 15.41 2.82
N LYS A 93 10.81 16.45 2.27
CA LYS A 93 9.80 17.25 3.02
C LYS A 93 8.63 16.35 3.42
N ARG A 94 8.25 15.40 2.56
CA ARG A 94 7.14 14.51 2.89
C ARG A 94 7.47 13.62 4.09
N LEU A 95 8.63 12.97 4.06
CA LEU A 95 9.11 12.24 5.23
C LEU A 95 9.18 13.12 6.47
N SER A 96 9.55 14.39 6.30
CA SER A 96 9.72 15.27 7.45
C SER A 96 8.38 15.62 8.08
N ARG A 97 7.37 15.92 7.26
CA ARG A 97 6.04 16.19 7.79
C ARG A 97 5.51 14.99 8.55
N GLU A 98 5.85 13.78 8.10
CA GLU A 98 5.37 12.56 8.75
C GLU A 98 6.12 12.31 10.05
N LEU A 99 7.44 12.52 10.07
CA LEU A 99 8.20 12.42 11.31
C LEU A 99 7.73 13.46 12.33
N ASN A 100 7.46 14.68 11.87
CA ASN A 100 6.99 15.71 12.79
C ASN A 100 5.64 15.33 13.39
N LEU A 101 4.79 14.68 12.58
CA LEU A 101 3.48 14.25 13.09
C LEU A 101 3.62 13.27 14.25
N GLU A 102 4.72 12.52 14.29
CA GLU A 102 4.98 11.60 15.38
C GLU A 102 5.91 12.20 16.44
N ASN A 103 6.10 13.53 16.39
CA ASN A 103 6.96 14.27 17.31
C ASN A 103 8.37 13.70 17.36
N ILE A 104 8.87 13.26 16.20
CA ILE A 104 10.25 12.78 16.08
C ILE A 104 11.12 13.91 15.56
N THR A 105 12.07 14.35 16.38
CA THR A 105 13.00 15.39 15.96
C THR A 105 14.04 14.80 15.02
N HIS A 106 14.38 15.55 13.97
CA HIS A 106 15.23 15.07 12.89
C HIS A 106 15.83 16.27 12.16
N TYR A 107 16.84 15.98 11.34
CA TYR A 107 17.63 17.05 10.75
C TYR A 107 18.06 16.65 9.35
N PHE A 108 18.17 17.66 8.48
CA PHE A 108 18.48 17.47 7.06
C PHE A 108 19.99 17.58 6.80
N GLU A 109 20.55 16.66 6.01
CA GLU A 109 21.93 16.81 5.57
C GLU A 109 22.03 16.60 4.05
N PHE A 110 22.64 17.57 3.37
CA PHE A 110 23.07 17.36 1.99
C PHE A 110 24.28 16.44 1.98
N THR A 111 24.18 15.34 1.23
CA THR A 111 25.16 14.25 1.32
C THR A 111 26.40 14.46 0.46
N GLY A 112 26.54 15.58 -0.21
CA GLY A 112 27.74 15.84 -0.98
C GLY A 112 27.71 15.36 -2.42
N ASN A 113 26.66 14.66 -2.84
CA ASN A 113 26.68 14.14 -4.20
C ASN A 113 25.29 14.23 -4.84
N ARG A 114 24.33 13.43 -4.37
CA ARG A 114 23.10 13.29 -5.13
C ARG A 114 21.83 13.17 -4.28
N GLY A 115 21.89 13.55 -3.01
CA GLY A 115 20.70 13.41 -2.19
C GLY A 115 20.87 13.98 -0.81
N TYR A 116 20.03 13.50 0.10
CA TYR A 116 19.95 14.03 1.45
C TYR A 116 19.80 12.88 2.44
N HIS A 117 20.35 13.10 3.64
CA HIS A 117 20.05 12.26 4.79
C HIS A 117 19.05 12.98 5.69
N ILE A 118 18.14 12.23 6.29
CA ILE A 118 17.33 12.71 7.40
C ILE A 118 17.82 11.97 8.63
N TRP A 119 18.50 12.69 9.53
CA TRP A 119 19.12 12.08 10.71
C TRP A 119 18.15 12.10 11.88
N ILE A 120 17.99 10.94 12.53
CA ILE A 120 17.23 10.81 13.78
C ILE A 120 18.20 10.41 14.88
N PHE A 121 18.23 11.17 15.97
CA PHE A 121 19.13 10.91 17.08
C PHE A 121 18.35 10.53 18.33
N PHE A 122 18.91 9.61 19.13
CA PHE A 122 18.25 9.10 20.32
C PHE A 122 19.12 9.35 21.55
N ASP A 123 18.48 9.68 22.69
CA ASP A 123 19.25 9.96 23.91
C ASP A 123 19.91 8.69 24.44
N ILE A 124 19.24 7.56 24.32
CA ILE A 124 19.69 6.24 24.77
C ILE A 124 19.55 5.34 23.54
N PRO A 125 20.43 4.37 23.29
CA PRO A 125 20.28 3.56 22.07
C PRO A 125 19.02 2.70 22.14
N VAL A 126 18.31 2.62 21.01
CA VAL A 126 17.07 1.85 20.92
C VAL A 126 17.32 0.58 20.12
N SER A 127 16.43 -0.40 20.29
CA SER A 127 16.46 -1.62 19.48
C SER A 127 16.37 -1.26 18.01
N ALA A 128 17.34 -1.74 17.21
CA ALA A 128 17.41 -1.31 15.81
C ALA A 128 16.17 -1.74 15.02
N TYR A 129 15.52 -2.85 15.40
CA TYR A 129 14.33 -3.29 14.69
C TYR A 129 13.13 -2.41 15.03
N LYS A 130 13.06 -1.87 16.24
CA LYS A 130 11.94 -0.98 16.54
C LYS A 130 12.02 0.29 15.70
N ILE A 131 13.21 0.88 15.57
CA ILE A 131 13.33 2.13 14.81
C ILE A 131 13.20 1.87 13.31
N LYS A 132 13.77 0.77 12.80
CA LYS A 132 13.62 0.46 11.38
C LYS A 132 12.16 0.25 11.02
N TYR A 133 11.39 -0.39 11.91
CA TYR A 133 9.99 -0.66 11.66
C TYR A 133 9.17 0.63 11.65
N ILE A 134 9.36 1.48 12.66
CA ILE A 134 8.71 2.79 12.66
C ILE A 134 9.01 3.52 11.37
N MET A 135 10.27 3.50 10.95
CA MET A 135 10.69 4.24 9.77
C MET A 135 10.09 3.65 8.49
N GLU A 136 9.95 2.33 8.45
CA GLU A 136 9.22 1.68 7.37
C GLU A 136 7.77 2.14 7.33
N LYS A 137 7.10 2.10 8.48
CA LYS A 137 5.69 2.50 8.53
C LYS A 137 5.50 3.96 8.12
N ILE A 138 6.46 4.83 8.44
CA ILE A 138 6.33 6.23 8.04
C ILE A 138 6.55 6.36 6.55
N LEU A 139 7.55 5.66 6.02
CA LEU A 139 7.81 5.68 4.59
C LEU A 139 6.59 5.23 3.80
N ASP A 140 5.85 4.24 4.31
CA ASP A 140 4.66 3.77 3.61
C ASP A 140 3.65 4.88 3.38
N ARG A 141 3.70 5.96 4.16
CA ARG A 141 2.63 6.94 4.17
C ARG A 141 2.81 8.02 3.13
N ILE A 142 3.93 8.05 2.42
CA ILE A 142 4.25 9.16 1.55
C ILE A 142 4.26 8.68 0.11
N GLU A 143 4.04 9.61 -0.81
CA GLU A 143 4.14 9.31 -2.22
C GLU A 143 5.56 9.61 -2.67
N LEU A 144 6.15 8.68 -3.39
CA LEU A 144 7.49 8.90 -3.89
C LEU A 144 7.41 9.75 -5.16
N GLU A 145 8.55 10.09 -5.74
CA GLU A 145 8.56 10.74 -7.03
C GLU A 145 9.45 9.94 -7.98
N GLU A 146 9.27 10.19 -9.28
CA GLU A 146 10.11 9.49 -10.25
C GLU A 146 11.58 9.81 -10.01
N GLY A 147 12.43 8.80 -10.18
CA GLY A 147 13.88 8.97 -10.11
C GLY A 147 14.47 8.96 -8.71
N ILE A 148 13.66 8.81 -7.65
CA ILE A 148 14.12 8.94 -6.27
C ILE A 148 14.06 7.58 -5.58
N ASP A 149 15.19 7.16 -5.00
CA ASP A 149 15.25 6.09 -4.03
C ASP A 149 15.12 6.64 -2.62
N VAL A 150 14.59 5.81 -1.71
CA VAL A 150 14.65 6.06 -0.27
C VAL A 150 15.11 4.78 0.40
N GLU A 151 16.25 4.89 1.10
N GLU A 151 16.25 4.88 1.10
CA GLU A 151 16.77 3.74 1.88
CA GLU A 151 16.80 3.75 1.87
C GLU A 151 16.68 4.09 3.37
C GLU A 151 16.73 4.09 3.36
N ILE A 152 16.62 3.07 4.22
CA ILE A 152 16.49 3.25 5.66
C ILE A 152 17.70 2.62 6.34
N PHE A 153 18.34 3.39 7.22
CA PHE A 153 19.45 2.93 8.03
C PHE A 153 19.00 3.02 9.48
N PRO A 154 19.04 1.92 10.27
CA PRO A 154 19.65 0.65 9.89
C PRO A 154 18.76 -0.24 9.03
N LYS A 155 19.36 -0.98 8.11
CA LYS A 155 18.65 -2.00 7.35
C LYS A 155 18.86 -3.37 7.98
N GLN A 156 20.10 -3.83 8.06
CA GLN A 156 20.42 -4.98 8.88
C GLN A 156 20.22 -4.59 10.35
N THR A 157 19.34 -5.30 11.06
CA THR A 157 18.99 -4.97 12.44
C THR A 157 19.54 -5.96 13.46
N SER A 158 20.26 -6.99 13.02
CA SER A 158 20.98 -7.85 13.93
C SER A 158 22.34 -8.17 13.31
N LEU A 159 23.39 -8.02 14.10
CA LEU A 159 24.76 -8.14 13.59
C LEU A 159 25.09 -9.57 13.18
N ASN A 160 24.66 -10.55 13.98
CA ASN A 160 25.03 -11.95 13.74
C ASN A 160 26.54 -12.11 13.63
N GLY A 161 27.28 -11.37 14.43
CA GLY A 161 28.73 -11.44 14.37
C GLY A 161 29.39 -10.69 13.23
N GLY A 162 28.63 -9.91 12.46
CA GLY A 162 29.20 -9.06 11.43
C GLY A 162 29.32 -7.61 11.86
N LEU A 163 29.43 -6.72 10.87
CA LEU A 163 29.46 -5.28 11.10
C LEU A 163 28.17 -4.56 10.74
N GLY A 164 27.38 -5.10 9.81
CA GLY A 164 26.17 -4.43 9.39
C GLY A 164 26.44 -3.18 8.55
N ASN A 165 25.41 -2.36 8.42
CA ASN A 165 25.46 -1.18 7.57
C ASN A 165 26.34 -0.10 8.17
N LEU A 166 26.95 0.67 7.27
CA LEU A 166 27.67 1.88 7.61
C LEU A 166 27.08 3.04 6.82
N ILE A 167 27.18 4.24 7.39
CA ILE A 167 26.68 5.44 6.75
C ILE A 167 27.71 6.55 6.93
N LYS A 168 27.91 7.32 5.85
CA LYS A 168 28.77 8.50 5.87
C LYS A 168 28.11 9.60 6.70
N VAL A 169 28.83 10.08 7.72
CA VAL A 169 28.26 11.03 8.68
C VAL A 169 28.62 12.44 8.26
N PRO A 170 27.87 13.45 8.71
CA PRO A 170 28.00 14.80 8.13
C PRO A 170 29.31 15.49 8.49
N LEU A 171 29.49 16.65 7.85
CA LEU A 171 30.50 17.67 8.13
C LEU A 171 31.86 17.31 7.54
N GLY A 172 31.95 16.22 6.78
CA GLY A 172 33.12 15.86 6.03
C GLY A 172 32.94 16.02 4.53
N VAL A 173 33.84 15.40 3.78
CA VAL A 173 33.92 15.55 2.32
C VAL A 173 33.62 14.21 1.65
N HIS A 174 32.64 14.23 0.72
CA HIS A 174 32.34 13.07 -0.12
C HIS A 174 33.50 12.82 -1.07
N LYS A 175 34.21 11.70 -0.89
CA LYS A 175 35.41 11.48 -1.68
C LYS A 175 35.14 11.37 -3.17
N LYS A 176 33.93 11.02 -3.59
CA LYS A 176 33.67 10.84 -5.04
C LYS A 176 33.61 12.21 -5.72
N THR A 177 33.06 13.21 -5.05
CA THR A 177 32.83 14.52 -5.64
C THR A 177 33.76 15.61 -5.14
N GLY A 178 34.26 15.49 -3.90
CA GLY A 178 34.97 16.57 -3.25
C GLY A 178 34.08 17.61 -2.63
N LYS A 179 32.77 17.42 -2.66
CA LYS A 179 31.83 18.35 -2.05
C LYS A 179 31.64 18.02 -0.57
N LYS A 180 31.41 19.08 0.21
CA LYS A 180 31.20 18.95 1.64
C LYS A 180 29.77 18.50 1.92
N CYS A 181 29.63 17.72 2.97
CA CYS A 181 28.36 17.18 3.41
C CYS A 181 27.89 18.04 4.58
N LEU A 182 26.82 18.80 4.36
CA LEU A 182 26.46 19.92 5.20
C LEU A 182 25.03 19.78 5.67
N PHE A 183 24.78 20.26 6.88
CA PHE A 183 23.42 20.37 7.36
C PHE A 183 22.72 21.48 6.58
N VAL A 184 21.44 21.28 6.33
CA VAL A 184 20.65 22.26 5.59
C VAL A 184 19.37 22.50 6.38
N ASP A 185 18.68 23.59 6.04
CA ASP A 185 17.47 23.94 6.76
C ASP A 185 16.26 23.35 6.05
N ASN A 186 15.06 23.83 6.42
CA ASN A 186 13.82 23.26 5.92
C ASN A 186 13.57 23.57 4.46
N ASP A 187 14.28 24.54 3.89
CA ASP A 187 14.24 24.78 2.46
C ASP A 187 15.46 24.23 1.76
N PHE A 188 16.28 23.46 2.47
CA PHE A 188 17.43 22.74 1.92
C PHE A 188 18.56 23.69 1.54
N ASN A 189 18.61 24.84 2.19
CA ASN A 189 19.72 25.77 2.07
C ASN A 189 20.78 25.44 3.11
N VAL A 190 22.04 25.47 2.68
CA VAL A 190 23.15 25.14 3.59
C VAL A 190 23.09 26.03 4.81
N ILE A 191 23.32 25.44 5.97
CA ILE A 191 23.31 26.17 7.24
C ILE A 191 24.67 26.86 7.39
N GLU A 192 24.65 28.17 7.70
CA GLU A 192 25.90 28.92 7.76
C GLU A 192 26.79 28.43 8.91
N ASN A 193 26.28 28.47 10.13
CA ASN A 193 27.08 28.02 11.26
C ASN A 193 26.75 26.55 11.48
N GLN A 194 27.54 25.69 10.84
CA GLN A 194 27.34 24.25 10.97
C GLN A 194 27.62 23.76 12.40
N ILE A 195 28.66 24.28 13.04
CA ILE A 195 28.99 23.85 14.40
C ILE A 195 27.87 24.22 15.37
N GLU A 196 27.32 25.43 15.24
CA GLU A 196 26.25 25.79 16.17
C GLU A 196 25.00 24.96 15.90
N PHE A 197 24.78 24.60 14.63
CA PHE A 197 23.69 23.70 14.30
C PHE A 197 23.89 22.36 14.98
N LEU A 198 25.09 21.79 14.83
CA LEU A 198 25.42 20.53 15.47
C LEU A 198 25.16 20.58 16.97
N ASN A 199 25.47 21.71 17.60
CA ASN A 199 25.36 21.85 19.05
C ASN A 199 23.93 22.04 19.50
N ASN A 200 23.03 22.34 18.59
CA ASN A 200 21.64 22.51 18.96
C ASN A 200 20.77 21.34 18.54
N ILE A 201 21.36 20.38 17.84
CA ILE A 201 20.69 19.11 17.54
C ILE A 201 20.17 18.50 18.84
N LYS A 202 18.90 18.12 18.82
CA LYS A 202 18.21 17.59 19.99
C LYS A 202 17.92 16.10 19.79
N GLU A 203 18.00 15.33 20.88
CA GLU A 203 17.79 13.89 20.84
C GLU A 203 16.36 13.53 21.24
N ASN A 204 15.82 12.52 20.57
CA ASN A 204 14.53 11.94 20.95
C ASN A 204 14.71 11.00 22.13
N LYS A 205 13.68 10.97 22.99
CA LYS A 205 13.70 10.10 24.16
C LYS A 205 13.39 8.68 23.74
N ALA A 206 14.30 7.75 24.05
CA ALA A 206 14.08 6.35 23.69
C ALA A 206 12.77 5.81 24.25
N THR A 207 12.29 6.33 25.39
CA THR A 207 11.01 5.85 25.92
C THR A 207 9.87 6.15 24.97
N GLU A 208 9.87 7.33 24.36
N GLU A 208 9.88 7.33 24.36
CA GLU A 208 8.80 7.65 23.43
CA GLU A 208 8.83 7.68 23.42
C GLU A 208 8.92 6.86 22.14
C GLU A 208 8.93 6.87 22.14
N ILE A 209 10.15 6.50 21.74
CA ILE A 209 10.35 5.70 20.53
C ILE A 209 9.88 4.28 20.75
N ASN A 210 10.26 3.67 21.89
CA ASN A 210 9.74 2.35 22.27
C ASN A 210 8.22 2.37 22.34
N LYS A 211 7.65 3.35 23.03
CA LYS A 211 6.20 3.45 23.13
C LYS A 211 5.55 3.58 21.75
N LEU A 212 6.14 4.39 20.87
CA LEU A 212 5.65 4.47 19.49
C LEU A 212 5.61 3.10 18.82
N PHE A 213 6.74 2.36 18.87
CA PHE A 213 6.77 1.03 18.26
C PHE A 213 5.67 0.15 18.80
N ARG A 214 5.46 0.20 20.11
CA ARG A 214 4.42 -0.61 20.72
C ARG A 214 3.05 -0.25 20.16
N GLU A 215 2.84 1.03 19.86
CA GLU A 215 1.55 1.46 19.32
C GLU A 215 1.36 1.03 17.88
N ILE A 216 2.45 1.08 17.10
CA ILE A 216 2.36 0.84 15.67
C ILE A 216 2.41 -0.66 15.38
N PHE A 217 3.29 -1.39 16.09
CA PHE A 217 3.27 -2.84 16.03
C PHE A 217 1.93 -3.38 16.49
N ASN A 218 1.25 -2.61 17.34
CA ASN A 218 0.00 -2.96 18.01
C ASN A 218 0.27 -4.15 18.95
N GLY B 1 -5.71 7.10 -5.30
CA GLY B 1 -5.93 6.96 -6.72
C GLY B 1 -5.94 5.52 -7.22
N PRO B 2 -6.26 5.33 -8.50
CA PRO B 2 -6.36 3.96 -9.02
C PRO B 2 -5.08 3.16 -8.82
N SER B 3 -3.92 3.78 -8.98
CA SER B 3 -2.65 3.07 -8.80
C SER B 3 -2.42 2.68 -7.34
N GLN B 4 -2.94 3.46 -6.39
CA GLN B 4 -2.78 3.07 -4.99
C GLN B 4 -3.73 1.94 -4.62
N ASN B 5 -4.96 1.96 -5.11
CA ASN B 5 -5.83 0.80 -4.97
C ASN B 5 -5.18 -0.43 -5.58
N ALA B 6 -4.47 -0.26 -6.69
CA ALA B 6 -3.80 -1.40 -7.32
C ALA B 6 -2.78 -2.05 -6.39
N ILE B 7 -2.10 -1.25 -5.58
CA ILE B 7 -1.12 -1.82 -4.65
C ILE B 7 -1.78 -2.74 -3.66
N LYS B 8 -2.86 -2.27 -3.05
CA LYS B 8 -3.59 -3.10 -2.10
C LYS B 8 -4.21 -4.31 -2.79
N ARG B 9 -4.69 -4.13 -4.03
CA ARG B 9 -5.37 -5.21 -4.73
C ARG B 9 -4.38 -6.30 -5.11
N PHE B 10 -3.24 -5.90 -5.68
CA PHE B 10 -2.18 -6.86 -6.00
C PHE B 10 -1.85 -7.75 -4.81
N MET B 11 -1.73 -7.14 -3.63
CA MET B 11 -1.36 -7.89 -2.43
C MET B 11 -2.43 -8.92 -2.08
N THR B 12 -3.70 -8.58 -2.28
CA THR B 12 -4.80 -9.52 -2.01
C THR B 12 -4.85 -10.65 -3.03
N LEU B 13 -4.64 -10.33 -4.31
CA LEU B 13 -4.75 -11.36 -5.35
C LEU B 13 -3.56 -12.29 -5.33
N PHE B 14 -2.35 -11.74 -5.33
CA PHE B 14 -1.19 -12.60 -5.41
C PHE B 14 -0.67 -12.91 -4.01
N SER B 15 -1.58 -13.42 -3.19
CA SER B 15 -1.34 -13.74 -1.78
C SER B 15 -0.96 -15.21 -1.66
N GLY B 16 0.33 -15.47 -1.45
CA GLY B 16 0.78 -16.83 -1.29
C GLY B 16 1.35 -17.09 0.09
N ARG B 17 2.52 -17.74 0.15
CA ARG B 17 3.19 -17.99 1.42
C ARG B 17 3.29 -16.71 2.22
N GLU B 18 3.03 -16.85 3.53
CA GLU B 18 2.80 -15.68 4.37
C GLU B 18 4.07 -14.88 4.58
N ASP B 19 5.23 -15.55 4.67
CA ASP B 19 6.41 -14.95 5.28
C ASP B 19 7.66 -15.11 4.43
N VAL B 20 7.53 -15.56 3.19
CA VAL B 20 8.64 -15.65 2.25
C VAL B 20 8.09 -15.29 0.87
N PHE B 21 8.87 -14.52 0.12
CA PHE B 21 8.62 -14.34 -1.31
C PHE B 21 9.94 -14.47 -2.06
N SER B 22 9.96 -14.09 -3.34
CA SER B 22 11.13 -14.29 -4.16
C SER B 22 11.34 -13.08 -5.05
N ILE B 23 12.60 -12.82 -5.40
CA ILE B 23 12.92 -11.82 -6.41
C ILE B 23 13.70 -12.47 -7.54
N GLN B 24 13.49 -11.97 -8.74
CA GLN B 24 14.21 -12.42 -9.93
C GLN B 24 15.52 -11.64 -10.07
N TYR B 25 16.58 -12.36 -10.39
CA TYR B 25 17.79 -11.73 -10.91
C TYR B 25 18.10 -12.36 -12.27
N GLU B 26 19.28 -12.05 -12.78
CA GLU B 26 19.70 -12.50 -14.10
C GLU B 26 20.36 -13.86 -13.95
N GLY B 27 19.55 -14.91 -14.03
CA GLY B 27 20.05 -16.26 -13.92
C GLY B 27 19.43 -17.07 -12.79
N GLY B 28 18.47 -16.50 -12.08
CA GLY B 28 17.81 -17.29 -11.07
C GLY B 28 16.78 -16.48 -10.31
N TYR B 29 16.39 -17.04 -9.17
CA TYR B 29 15.50 -16.40 -8.23
C TYR B 29 16.10 -16.62 -6.85
N ARG B 30 15.67 -15.79 -5.90
CA ARG B 30 16.28 -15.78 -4.59
C ARG B 30 15.17 -15.56 -3.58
N PRO B 31 15.06 -16.39 -2.56
CA PRO B 31 14.01 -16.17 -1.56
C PRO B 31 14.35 -14.94 -0.74
N ILE B 32 13.31 -14.20 -0.34
CA ILE B 32 13.42 -13.13 0.65
C ILE B 32 12.66 -13.58 1.89
N ARG B 33 13.35 -13.68 3.02
CA ARG B 33 12.80 -14.35 4.20
C ARG B 33 12.06 -13.36 5.09
N ARG B 34 10.92 -12.88 4.59
CA ARG B 34 10.03 -12.01 5.34
C ARG B 34 8.76 -11.81 4.50
N PRO B 35 7.67 -11.35 5.11
CA PRO B 35 6.45 -11.11 4.32
C PRO B 35 6.65 -10.03 3.29
N LEU B 36 5.94 -10.19 2.17
CA LEU B 36 5.90 -9.14 1.16
C LEU B 36 5.22 -7.91 1.73
N ASN B 37 5.72 -6.72 1.37
CA ASN B 37 5.13 -5.47 1.85
C ASN B 37 4.78 -4.55 0.68
N PHE B 38 4.05 -3.47 1.02
CA PHE B 38 3.68 -2.48 0.01
C PHE B 38 4.90 -1.96 -0.74
N GLN B 39 6.01 -1.72 -0.02
CA GLN B 39 7.21 -1.20 -0.69
C GLN B 39 7.74 -2.22 -1.69
N ASP B 40 7.68 -3.51 -1.36
CA ASP B 40 8.04 -4.54 -2.32
C ASP B 40 7.23 -4.41 -3.60
N ILE B 41 5.93 -4.10 -3.47
CA ILE B 41 5.05 -4.06 -4.63
C ILE B 41 5.29 -2.80 -5.45
N LYS B 42 5.49 -1.65 -4.80
CA LYS B 42 5.93 -0.46 -5.53
C LYS B 42 7.22 -0.74 -6.30
N ASN B 43 8.12 -1.55 -5.74
CA ASN B 43 9.35 -1.87 -6.45
C ASN B 43 9.08 -2.80 -7.64
N HIS B 44 8.11 -3.69 -7.50
CA HIS B 44 7.68 -4.50 -8.63
C HIS B 44 7.12 -3.62 -9.75
N PHE B 45 6.18 -2.75 -9.41
CA PHE B 45 5.50 -1.94 -10.42
C PHE B 45 6.47 -0.99 -11.13
N SER B 46 7.53 -0.57 -10.46
CA SER B 46 8.44 0.41 -11.06
C SER B 46 9.60 -0.22 -11.81
N GLY B 47 9.81 -1.53 -11.67
CA GLY B 47 10.91 -2.20 -12.34
C GLY B 47 12.20 -2.29 -11.55
N LYS B 48 12.20 -1.81 -10.30
CA LYS B 48 13.41 -1.87 -9.48
C LYS B 48 13.62 -3.27 -8.91
N LYS B 49 12.56 -4.03 -8.70
CA LYS B 49 12.67 -5.45 -8.38
C LYS B 49 11.59 -6.18 -9.15
N THR B 50 11.77 -7.48 -9.31
CA THR B 50 10.79 -8.33 -9.96
C THR B 50 10.41 -9.44 -8.99
N LEU B 51 9.14 -9.50 -8.64
CA LEU B 51 8.66 -10.37 -7.58
C LEU B 51 8.23 -11.71 -8.15
N GLY B 52 8.54 -12.77 -7.41
CA GLY B 52 7.91 -14.06 -7.59
C GLY B 52 7.27 -14.46 -6.28
N ILE B 53 6.19 -15.21 -6.36
CA ILE B 53 5.39 -15.54 -5.17
C ILE B 53 5.31 -17.05 -5.02
N TYR B 54 5.52 -17.53 -3.80
CA TYR B 54 5.31 -18.94 -3.48
C TYR B 54 3.82 -19.17 -3.28
N LEU B 55 3.24 -20.07 -4.07
CA LEU B 55 1.79 -20.22 -4.08
C LEU B 55 1.29 -20.82 -2.77
N LEU B 56 1.98 -21.82 -2.25
CA LEU B 56 1.46 -22.59 -1.13
C LEU B 56 1.63 -21.81 0.17
N LYS B 57 0.51 -21.55 0.84
CA LYS B 57 0.56 -21.08 2.21
C LYS B 57 1.02 -22.22 3.13
N LYS B 58 1.27 -21.87 4.39
CA LYS B 58 1.91 -22.84 5.27
C LYS B 58 1.00 -24.02 5.58
N ASN B 59 -0.32 -23.86 5.44
CA ASN B 59 -1.30 -24.93 5.60
C ASN B 59 -1.64 -25.59 4.26
N ASP B 60 -0.76 -25.46 3.26
CA ASP B 60 -0.87 -26.14 1.97
C ASP B 60 -2.13 -25.77 1.21
N THR B 61 -2.62 -24.55 1.42
CA THR B 61 -3.68 -23.98 0.61
C THR B 61 -3.10 -22.93 -0.32
N VAL B 62 -3.82 -22.66 -1.41
CA VAL B 62 -3.45 -21.62 -2.36
C VAL B 62 -4.64 -20.67 -2.51
N LYS B 63 -4.32 -19.39 -2.73
CA LYS B 63 -5.31 -18.37 -3.06
C LYS B 63 -5.35 -18.08 -4.55
N PHE B 64 -4.43 -18.66 -5.32
CA PHE B 64 -4.43 -18.47 -6.75
C PHE B 64 -3.69 -19.65 -7.36
N ALA B 65 -3.75 -19.73 -8.68
CA ALA B 65 -3.13 -20.82 -9.41
C ALA B 65 -2.88 -20.31 -10.83
N ALA B 66 -2.03 -21.00 -11.57
CA ALA B 66 -1.76 -20.51 -12.91
C ALA B 66 -1.31 -21.65 -13.81
N TYR B 67 -1.82 -21.64 -15.05
CA TYR B 67 -1.20 -22.36 -16.14
C TYR B 67 -0.04 -21.55 -16.67
N ASP B 68 0.97 -22.25 -17.17
CA ASP B 68 2.14 -21.60 -17.75
C ASP B 68 2.39 -22.24 -19.11
N ILE B 69 1.96 -21.55 -20.17
CA ILE B 69 2.17 -22.02 -21.53
C ILE B 69 3.48 -21.48 -22.03
N ASP B 70 4.38 -22.37 -22.41
CA ASP B 70 5.74 -22.02 -22.79
C ASP B 70 6.02 -22.53 -24.19
N ILE B 71 6.90 -21.83 -24.87
CA ILE B 71 7.61 -22.42 -25.99
C ILE B 71 8.79 -23.20 -25.42
N LYS B 72 8.92 -24.46 -25.84
CA LYS B 72 10.05 -25.30 -25.45
C LYS B 72 11.37 -24.61 -25.78
N LYS B 73 12.34 -24.81 -24.90
CA LYS B 73 13.60 -24.08 -24.97
C LYS B 73 14.27 -24.22 -26.32
N HIS B 74 14.34 -25.45 -26.84
CA HIS B 74 15.04 -25.71 -28.09
C HIS B 74 14.22 -25.34 -29.33
N TYR B 75 13.00 -24.86 -29.15
CA TYR B 75 12.24 -24.29 -30.25
C TYR B 75 12.35 -22.77 -30.31
N LEU B 76 13.04 -22.18 -29.34
CA LEU B 76 13.03 -20.73 -29.17
C LEU B 76 13.85 -20.03 -30.24
N ASN B 77 15.02 -20.58 -30.55
CA ASN B 77 16.00 -19.92 -31.42
C ASN B 77 15.72 -20.16 -32.89
N ARG B 78 14.66 -20.88 -33.24
CA ARG B 78 14.39 -21.17 -34.63
C ARG B 78 14.02 -19.91 -35.40
N GLU B 79 14.23 -19.95 -36.71
N GLU B 79 14.21 -19.95 -36.72
CA GLU B 79 13.81 -18.84 -37.56
CA GLU B 79 13.80 -18.84 -37.55
C GLU B 79 12.31 -18.82 -37.81
C GLU B 79 12.30 -18.81 -37.76
N ASP B 80 11.64 -19.96 -37.69
CA ASP B 80 10.19 -20.03 -37.75
C ASP B 80 9.56 -20.02 -36.35
N LYS B 81 10.13 -19.22 -35.44
CA LYS B 81 9.64 -19.16 -34.07
C LYS B 81 8.21 -18.66 -34.00
N PHE B 82 7.75 -17.93 -35.02
CA PHE B 82 6.41 -17.36 -35.00
C PHE B 82 5.37 -18.46 -34.96
N VAL B 83 5.68 -19.62 -35.55
CA VAL B 83 4.76 -20.77 -35.51
C VAL B 83 4.48 -21.19 -34.08
N TYR B 84 5.55 -21.34 -33.28
CA TYR B 84 5.40 -21.79 -31.90
C TYR B 84 4.85 -20.68 -31.01
N GLU B 85 4.95 -19.43 -31.46
CA GLU B 85 4.19 -18.35 -30.83
C GLU B 85 2.69 -18.56 -31.06
N GLU B 86 2.30 -18.84 -32.30
CA GLU B 86 0.90 -19.15 -32.59
C GLU B 86 0.42 -20.34 -31.78
N ASN B 87 1.17 -21.45 -31.83
CA ASN B 87 0.80 -22.66 -31.10
C ASN B 87 0.57 -22.39 -29.62
N SER B 88 1.44 -21.59 -28.99
CA SER B 88 1.24 -21.29 -27.58
C SER B 88 -0.07 -20.57 -27.33
N LYS B 89 -0.52 -19.76 -28.28
CA LYS B 89 -1.83 -19.14 -28.12
C LYS B 89 -2.96 -20.14 -28.39
N LYS B 90 -2.75 -21.09 -29.32
CA LYS B 90 -3.72 -22.14 -29.57
C LYS B 90 -3.97 -22.99 -28.32
N VAL B 91 -2.89 -23.42 -27.66
CA VAL B 91 -3.00 -24.22 -26.43
C VAL B 91 -3.67 -23.41 -25.32
N ALA B 92 -3.30 -22.13 -25.18
CA ALA B 92 -3.93 -21.27 -24.17
C ALA B 92 -5.42 -21.09 -24.41
N LYS B 93 -5.83 -20.90 -25.68
CA LYS B 93 -7.25 -20.75 -25.97
C LYS B 93 -8.01 -22.03 -25.63
N ARG B 94 -7.43 -23.20 -25.91
CA ARG B 94 -8.11 -24.44 -25.58
C ARG B 94 -8.33 -24.56 -24.08
N LEU B 95 -7.27 -24.37 -23.29
CA LEU B 95 -7.39 -24.40 -21.84
C LEU B 95 -8.48 -23.45 -21.35
N SER B 96 -8.45 -22.22 -21.85
CA SER B 96 -9.39 -21.18 -21.43
C SER B 96 -10.84 -21.57 -21.75
N ARG B 97 -11.05 -22.17 -22.92
CA ARG B 97 -12.40 -22.65 -23.27
C ARG B 97 -12.90 -23.67 -22.25
N GLU B 98 -12.06 -24.63 -21.87
CA GLU B 98 -12.44 -25.58 -20.83
C GLU B 98 -12.72 -24.88 -19.51
N LEU B 99 -11.86 -23.92 -19.13
CA LEU B 99 -12.05 -23.21 -17.86
C LEU B 99 -13.36 -22.44 -17.85
N ASN B 100 -13.71 -21.80 -18.98
CA ASN B 100 -15.00 -21.11 -19.08
C ASN B 100 -16.15 -22.10 -18.97
N LEU B 101 -16.00 -23.29 -19.57
CA LEU B 101 -17.02 -24.31 -19.49
C LEU B 101 -17.28 -24.72 -18.04
N GLU B 102 -16.25 -24.66 -17.19
CA GLU B 102 -16.38 -24.91 -15.76
C GLU B 102 -16.61 -23.64 -14.96
N ASN B 103 -16.96 -22.54 -15.64
CA ASN B 103 -17.26 -21.27 -14.98
C ASN B 103 -16.14 -20.84 -14.04
N ILE B 104 -14.91 -21.11 -14.42
CA ILE B 104 -13.73 -20.63 -13.72
C ILE B 104 -13.24 -19.35 -14.39
N THR B 105 -13.43 -18.22 -13.72
CA THR B 105 -12.96 -16.93 -14.21
C THR B 105 -11.43 -16.89 -14.20
N HIS B 106 -10.83 -16.45 -15.30
CA HIS B 106 -9.38 -16.53 -15.41
C HIS B 106 -8.91 -15.38 -16.28
N TYR B 107 -7.60 -15.12 -16.26
CA TYR B 107 -7.03 -13.99 -16.96
C TYR B 107 -5.72 -14.40 -17.62
N PHE B 108 -5.44 -13.79 -18.78
CA PHE B 108 -4.24 -14.06 -19.56
C PHE B 108 -3.17 -13.04 -19.20
N GLU B 109 -1.91 -13.49 -19.18
CA GLU B 109 -0.80 -12.57 -19.00
C GLU B 109 0.33 -12.97 -19.95
N PHE B 110 0.86 -11.98 -20.68
CA PHE B 110 2.06 -12.18 -21.45
C PHE B 110 3.27 -12.12 -20.51
N THR B 111 4.06 -13.19 -20.48
CA THR B 111 5.03 -13.36 -19.40
C THR B 111 6.33 -12.61 -19.64
N GLY B 112 6.45 -11.84 -20.71
CA GLY B 112 7.63 -11.03 -20.92
C GLY B 112 8.77 -11.73 -21.61
N ASN B 113 8.60 -12.97 -22.02
CA ASN B 113 9.65 -13.69 -22.73
C ASN B 113 9.04 -14.67 -23.73
N ARG B 114 8.71 -15.89 -23.30
CA ARG B 114 8.42 -16.95 -24.25
C ARG B 114 7.04 -17.57 -24.07
N GLY B 115 6.08 -16.86 -23.47
CA GLY B 115 4.78 -17.49 -23.32
C GLY B 115 3.72 -16.73 -22.56
N TYR B 116 2.77 -17.46 -21.99
CA TYR B 116 1.61 -16.89 -21.33
C TYR B 116 1.33 -17.63 -20.03
N HIS B 117 0.85 -16.90 -19.03
CA HIS B 117 0.22 -17.48 -17.85
C HIS B 117 -1.28 -17.27 -17.94
N ILE B 118 -2.05 -18.27 -17.52
CA ILE B 118 -3.48 -18.12 -17.27
C ILE B 118 -3.66 -18.11 -15.77
N TRP B 119 -4.01 -16.95 -15.21
CA TRP B 119 -4.15 -16.75 -13.77
C TRP B 119 -5.57 -17.10 -13.33
N ILE B 120 -5.68 -17.88 -12.25
CA ILE B 120 -6.95 -18.20 -11.60
C ILE B 120 -6.89 -17.70 -10.16
N PHE B 121 -7.88 -16.90 -9.76
CA PHE B 121 -7.90 -16.31 -8.42
C PHE B 121 -9.10 -16.80 -7.61
N PHE B 122 -8.88 -16.95 -6.30
CA PHE B 122 -9.85 -17.48 -5.36
C PHE B 122 -10.10 -16.46 -4.26
N ASP B 123 -11.36 -16.37 -3.81
CA ASP B 123 -11.67 -15.41 -2.77
C ASP B 123 -11.15 -15.89 -1.42
N ILE B 124 -11.16 -17.20 -1.20
CA ILE B 124 -10.70 -17.86 0.03
C ILE B 124 -9.75 -18.97 -0.42
N PRO B 125 -8.62 -19.20 0.24
CA PRO B 125 -7.69 -20.22 -0.27
C PRO B 125 -8.34 -21.59 -0.34
N VAL B 126 -7.86 -22.41 -1.28
CA VAL B 126 -8.32 -23.78 -1.45
C VAL B 126 -7.13 -24.72 -1.36
N SER B 127 -7.43 -26.00 -1.10
CA SER B 127 -6.36 -26.99 -1.02
C SER B 127 -5.59 -27.04 -2.32
N ALA B 128 -4.25 -27.07 -2.21
CA ALA B 128 -3.43 -27.06 -3.41
C ALA B 128 -3.68 -28.29 -4.27
N TYR B 129 -3.91 -29.45 -3.65
CA TYR B 129 -4.12 -30.65 -4.45
C TYR B 129 -5.41 -30.57 -5.25
N LYS B 130 -6.41 -29.84 -4.75
CA LYS B 130 -7.70 -29.83 -5.43
C LYS B 130 -7.63 -29.03 -6.72
N ILE B 131 -7.08 -27.81 -6.66
CA ILE B 131 -6.99 -27.01 -7.87
C ILE B 131 -6.02 -27.64 -8.86
N LYS B 132 -4.88 -28.15 -8.36
CA LYS B 132 -3.94 -28.85 -9.22
C LYS B 132 -4.64 -29.98 -9.99
N TYR B 133 -5.46 -30.75 -9.30
CA TYR B 133 -6.23 -31.86 -9.93
C TYR B 133 -7.18 -31.33 -11.02
N ILE B 134 -7.93 -30.29 -10.70
CA ILE B 134 -8.84 -29.72 -11.70
C ILE B 134 -8.06 -29.30 -12.94
N MET B 135 -6.91 -28.64 -12.74
CA MET B 135 -6.10 -28.12 -13.83
C MET B 135 -5.50 -29.24 -14.66
N GLU B 136 -5.14 -30.35 -14.01
CA GLU B 136 -4.61 -31.51 -14.72
C GLU B 136 -5.67 -32.19 -15.56
N LYS B 137 -6.87 -32.38 -15.01
CA LYS B 137 -7.94 -33.02 -15.76
C LYS B 137 -8.35 -32.18 -16.98
N ILE B 138 -8.37 -30.85 -16.82
CA ILE B 138 -8.74 -29.97 -17.92
C ILE B 138 -7.72 -30.04 -19.05
N LEU B 139 -6.44 -30.00 -18.69
CA LEU B 139 -5.35 -30.24 -19.64
C LEU B 139 -5.52 -31.57 -20.38
N ASP B 140 -5.95 -32.61 -19.66
CA ASP B 140 -6.16 -33.92 -20.29
C ASP B 140 -7.27 -33.90 -21.32
N ARG B 141 -8.00 -32.79 -21.47
CA ARG B 141 -9.11 -32.72 -22.42
C ARG B 141 -8.73 -32.16 -23.78
N ILE B 142 -7.62 -31.42 -23.87
CA ILE B 142 -7.35 -30.59 -25.03
C ILE B 142 -6.24 -31.20 -25.87
N GLU B 143 -6.26 -30.85 -27.16
CA GLU B 143 -5.15 -31.11 -28.06
C GLU B 143 -3.99 -30.17 -27.75
N LEU B 144 -2.78 -30.71 -27.78
CA LEU B 144 -1.58 -29.92 -27.60
C LEU B 144 -0.94 -29.65 -28.97
N GLU B 145 0.13 -28.85 -28.96
CA GLU B 145 0.84 -28.49 -30.18
C GLU B 145 2.33 -28.74 -29.98
N GLU B 146 3.05 -28.88 -31.09
CA GLU B 146 4.47 -29.18 -31.00
C GLU B 146 5.24 -27.96 -30.47
N GLY B 147 6.26 -28.21 -29.67
CA GLY B 147 7.10 -27.14 -29.18
C GLY B 147 6.51 -26.34 -28.03
N ILE B 148 5.35 -26.73 -27.53
CA ILE B 148 4.71 -26.04 -26.42
C ILE B 148 4.72 -26.96 -25.19
N ASP B 149 5.01 -26.37 -24.03
CA ASP B 149 4.90 -27.04 -22.74
C ASP B 149 3.84 -26.34 -21.93
N VAL B 150 2.98 -27.11 -21.27
CA VAL B 150 2.02 -26.55 -20.33
C VAL B 150 2.46 -26.97 -18.94
N GLU B 151 2.54 -26.01 -18.03
CA GLU B 151 2.92 -26.29 -16.66
C GLU B 151 1.84 -25.81 -15.71
N ILE B 152 1.74 -26.46 -14.56
CA ILE B 152 0.66 -26.24 -13.62
C ILE B 152 1.25 -25.80 -12.28
N PHE B 153 0.90 -24.58 -11.86
CA PHE B 153 1.16 -24.08 -10.53
C PHE B 153 -0.17 -23.99 -9.81
N PRO B 154 -0.29 -24.55 -8.59
CA PRO B 154 0.78 -25.16 -7.80
C PRO B 154 1.37 -26.47 -8.35
N LYS B 155 2.70 -26.57 -8.25
CA LYS B 155 3.45 -27.77 -8.59
C LYS B 155 3.44 -28.81 -7.48
N GLN B 156 2.98 -28.46 -6.28
CA GLN B 156 2.99 -29.34 -5.11
C GLN B 156 1.59 -29.46 -4.58
N THR B 157 1.29 -30.63 -4.03
CA THR B 157 0.12 -30.74 -3.17
C THR B 157 0.42 -30.29 -1.75
N SER B 158 1.70 -30.25 -1.36
CA SER B 158 2.07 -29.98 0.03
C SER B 158 3.53 -29.56 0.16
N LEU B 159 3.83 -28.77 1.19
CA LEU B 159 5.18 -28.27 1.42
C LEU B 159 6.09 -29.30 2.08
N ASN B 160 5.58 -30.05 3.05
CA ASN B 160 6.42 -30.92 3.86
C ASN B 160 7.61 -30.14 4.45
N GLY B 161 7.30 -28.97 5.02
CA GLY B 161 8.31 -28.14 5.64
C GLY B 161 9.14 -27.28 4.70
N GLY B 162 8.83 -27.26 3.40
CA GLY B 162 9.61 -26.53 2.44
C GLY B 162 8.93 -25.26 1.98
N LEU B 163 9.44 -24.72 0.85
CA LEU B 163 8.92 -23.50 0.23
C LEU B 163 7.98 -23.78 -0.91
N GLY B 164 8.16 -24.90 -1.60
CA GLY B 164 7.38 -25.17 -2.79
C GLY B 164 7.94 -24.39 -3.96
N ASN B 165 7.13 -24.24 -4.98
CA ASN B 165 7.52 -23.49 -6.17
C ASN B 165 6.88 -22.11 -6.16
N LEU B 166 7.52 -21.19 -6.88
CA LEU B 166 7.06 -19.81 -6.97
C LEU B 166 6.77 -19.49 -8.43
N ILE B 167 5.99 -18.44 -8.66
CA ILE B 167 5.72 -17.97 -10.01
C ILE B 167 5.96 -16.47 -10.08
N LYS B 168 6.61 -16.03 -11.15
CA LYS B 168 6.77 -14.60 -11.40
C LYS B 168 5.42 -13.95 -11.66
N VAL B 169 5.13 -12.88 -10.92
CA VAL B 169 3.80 -12.28 -10.95
C VAL B 169 3.80 -11.10 -11.92
N PRO B 170 2.64 -10.75 -12.47
CA PRO B 170 2.57 -9.78 -13.58
C PRO B 170 2.81 -8.34 -13.15
N LEU B 171 2.99 -7.48 -14.16
CA LEU B 171 3.22 -6.03 -14.10
C LEU B 171 4.66 -5.68 -13.73
N GLY B 172 5.55 -6.67 -13.66
CA GLY B 172 6.96 -6.41 -13.47
C GLY B 172 7.73 -6.56 -14.76
N VAL B 173 9.05 -6.51 -14.62
CA VAL B 173 9.96 -6.58 -15.76
C VAL B 173 10.66 -7.93 -15.71
N HIS B 174 10.64 -8.65 -16.82
CA HIS B 174 11.33 -9.93 -16.93
C HIS B 174 12.83 -9.70 -17.03
N LYS B 175 13.57 -10.16 -16.02
CA LYS B 175 15.00 -9.88 -15.97
C LYS B 175 15.78 -10.61 -17.06
N LYS B 176 15.17 -11.59 -17.73
CA LYS B 176 15.87 -12.25 -18.83
C LYS B 176 15.83 -11.42 -20.12
N THR B 177 14.88 -10.50 -20.25
CA THR B 177 14.69 -9.77 -21.50
C THR B 177 14.45 -8.28 -21.34
N GLY B 178 14.09 -7.80 -20.15
CA GLY B 178 13.80 -6.39 -19.99
C GLY B 178 12.43 -5.96 -20.47
N LYS B 179 11.52 -6.90 -20.75
CA LYS B 179 10.17 -6.56 -21.22
C LYS B 179 9.16 -6.72 -20.09
N LYS B 180 8.18 -5.83 -20.07
CA LYS B 180 7.11 -5.90 -19.09
C LYS B 180 6.29 -7.18 -19.27
N CYS B 181 5.92 -7.80 -18.13
CA CYS B 181 4.95 -8.89 -18.10
C CYS B 181 3.59 -8.27 -17.85
N LEU B 182 2.67 -8.42 -18.83
CA LEU B 182 1.45 -7.62 -18.85
C LEU B 182 0.23 -8.50 -19.10
N PHE B 183 -0.91 -8.03 -18.60
CA PHE B 183 -2.17 -8.68 -18.91
C PHE B 183 -2.52 -8.45 -20.39
N VAL B 184 -3.17 -9.44 -20.99
CA VAL B 184 -3.62 -9.35 -22.36
C VAL B 184 -5.08 -9.73 -22.38
N ASP B 185 -5.77 -9.44 -23.47
CA ASP B 185 -7.18 -9.80 -23.53
C ASP B 185 -7.29 -11.21 -24.11
N ASN B 186 -8.53 -11.66 -24.36
CA ASN B 186 -8.74 -13.00 -24.88
C ASN B 186 -8.13 -13.20 -26.26
N ASP B 187 -7.78 -12.12 -26.96
CA ASP B 187 -7.07 -12.20 -28.23
C ASP B 187 -5.56 -12.04 -28.06
N PHE B 188 -5.08 -11.99 -26.83
CA PHE B 188 -3.66 -11.82 -26.48
C PHE B 188 -3.14 -10.42 -26.79
N ASN B 189 -4.03 -9.45 -26.96
CA ASN B 189 -3.62 -8.06 -27.14
C ASN B 189 -3.46 -7.36 -25.79
N VAL B 190 -2.39 -6.58 -25.67
CA VAL B 190 -2.06 -5.94 -24.39
C VAL B 190 -3.14 -4.96 -24.01
N ILE B 191 -3.62 -5.05 -22.77
CA ILE B 191 -4.56 -4.05 -22.25
C ILE B 191 -3.82 -2.75 -22.02
N GLU B 192 -4.37 -1.65 -22.53
CA GLU B 192 -3.70 -0.37 -22.35
C GLU B 192 -3.66 0.02 -20.88
N ASN B 193 -4.83 0.05 -20.22
CA ASN B 193 -4.89 0.45 -18.81
C ASN B 193 -4.75 -0.79 -17.93
N GLN B 194 -3.49 -1.17 -17.68
CA GLN B 194 -3.21 -2.35 -16.86
C GLN B 194 -3.70 -2.17 -15.43
N ILE B 195 -3.46 -0.99 -14.85
CA ILE B 195 -3.85 -0.72 -13.46
C ILE B 195 -5.34 -0.99 -13.28
N GLU B 196 -6.13 -0.49 -14.22
CA GLU B 196 -7.58 -0.63 -14.11
C GLU B 196 -8.01 -2.08 -14.31
N PHE B 197 -7.41 -2.77 -15.28
CA PHE B 197 -7.62 -4.21 -15.43
C PHE B 197 -7.34 -4.94 -14.11
N LEU B 198 -6.19 -4.63 -13.49
CA LEU B 198 -5.88 -5.23 -12.21
C LEU B 198 -6.98 -4.97 -11.20
N ASN B 199 -7.49 -3.74 -11.17
CA ASN B 199 -8.54 -3.40 -10.20
C ASN B 199 -9.90 -3.95 -10.56
N ASN B 200 -10.06 -4.59 -11.72
CA ASN B 200 -11.35 -5.19 -12.04
C ASN B 200 -11.31 -6.71 -11.98
N ILE B 201 -10.12 -7.30 -11.77
CA ILE B 201 -9.97 -8.74 -11.69
C ILE B 201 -10.90 -9.29 -10.62
N LYS B 202 -11.60 -10.39 -10.95
CA LYS B 202 -12.58 -11.04 -10.10
C LYS B 202 -12.03 -12.35 -9.54
N GLU B 203 -12.36 -12.63 -8.28
CA GLU B 203 -12.01 -13.88 -7.61
C GLU B 203 -13.10 -14.92 -7.82
N ASN B 204 -12.69 -16.14 -8.13
CA ASN B 204 -13.61 -17.27 -8.07
C ASN B 204 -13.99 -17.58 -6.64
N LYS B 205 -15.16 -18.21 -6.47
CA LYS B 205 -15.61 -18.62 -5.14
C LYS B 205 -14.96 -19.93 -4.76
N ALA B 206 -14.27 -19.94 -3.61
CA ALA B 206 -13.75 -21.19 -3.07
C ALA B 206 -14.84 -22.23 -2.94
N THR B 207 -16.03 -21.81 -2.50
CA THR B 207 -17.13 -22.77 -2.36
C THR B 207 -17.45 -23.43 -3.70
N GLU B 208 -17.48 -22.64 -4.77
CA GLU B 208 -17.73 -23.18 -6.10
C GLU B 208 -16.61 -24.11 -6.52
N ILE B 209 -15.36 -23.69 -6.28
CA ILE B 209 -14.22 -24.48 -6.72
C ILE B 209 -14.13 -25.78 -5.93
N ASN B 210 -14.46 -25.71 -4.64
CA ASN B 210 -14.52 -26.92 -3.82
C ASN B 210 -15.58 -27.88 -4.34
N LYS B 211 -16.78 -27.36 -4.64
CA LYS B 211 -17.83 -28.15 -5.25
C LYS B 211 -17.38 -28.74 -6.60
N LEU B 212 -16.58 -27.99 -7.35
CA LEU B 212 -16.14 -28.46 -8.66
C LEU B 212 -15.14 -29.59 -8.54
N PHE B 213 -14.34 -29.61 -7.48
CA PHE B 213 -13.40 -30.71 -7.32
C PHE B 213 -14.15 -32.02 -7.08
N ARG B 214 -15.11 -32.01 -6.15
CA ARG B 214 -15.95 -33.19 -5.92
C ARG B 214 -16.68 -33.59 -7.19
N GLU B 215 -17.16 -32.61 -7.95
CA GLU B 215 -17.91 -32.93 -9.17
C GLU B 215 -17.01 -33.58 -10.22
N ILE B 216 -15.86 -32.97 -10.53
CA ILE B 216 -14.96 -33.58 -11.51
C ILE B 216 -14.48 -34.94 -11.03
N PHE B 217 -14.04 -35.02 -9.77
CA PHE B 217 -13.65 -36.29 -9.19
C PHE B 217 -14.79 -37.30 -9.22
N ASN B 218 -16.03 -36.80 -9.38
CA ASN B 218 -17.25 -37.64 -9.47
C ASN B 218 -17.40 -38.46 -8.19
N GLU B 219 -16.62 -38.13 -7.15
CA GLU B 219 -16.61 -38.90 -5.88
C GLU B 219 -16.43 -40.39 -6.19
N PRO C 2 -41.57 11.22 14.43
CA PRO C 2 -40.53 12.06 13.80
C PRO C 2 -40.81 13.53 14.00
N SER C 3 -39.97 14.25 14.74
CA SER C 3 -40.17 15.69 14.87
C SER C 3 -40.02 16.34 13.51
N GLN C 4 -40.84 17.37 13.25
CA GLN C 4 -40.65 18.12 12.02
C GLN C 4 -39.28 18.77 11.98
N ASN C 5 -38.71 19.07 13.15
CA ASN C 5 -37.34 19.58 13.18
C ASN C 5 -36.35 18.46 12.87
N ALA C 6 -36.63 17.23 13.33
CA ALA C 6 -35.74 16.11 13.08
C ALA C 6 -35.77 15.67 11.62
N ILE C 7 -36.94 15.77 10.98
CA ILE C 7 -37.05 15.55 9.55
C ILE C 7 -36.25 16.61 8.81
N LYS C 8 -36.48 17.88 9.16
CA LYS C 8 -35.75 18.99 8.54
C LYS C 8 -34.24 18.84 8.76
N ARG C 9 -33.83 18.39 9.94
CA ARG C 9 -32.41 18.18 10.18
C ARG C 9 -31.87 17.07 9.31
N PHE C 10 -32.59 15.95 9.25
CA PHE C 10 -32.13 14.83 8.43
C PHE C 10 -31.96 15.25 6.99
N MET C 11 -32.96 15.97 6.45
CA MET C 11 -32.88 16.39 5.05
C MET C 11 -31.77 17.40 4.82
N THR C 12 -31.39 18.17 5.85
CA THR C 12 -30.33 19.14 5.68
C THR C 12 -28.96 18.46 5.61
N LEU C 13 -28.75 17.46 6.47
CA LEU C 13 -27.47 16.75 6.50
C LEU C 13 -27.32 15.81 5.30
N PHE C 14 -28.30 14.95 5.04
CA PHE C 14 -28.24 14.03 3.89
C PHE C 14 -28.91 14.64 2.66
N SER C 15 -28.46 15.85 2.34
CA SER C 15 -28.98 16.64 1.23
C SER C 15 -28.17 16.31 -0.02
N GLY C 16 -28.77 15.52 -0.91
CA GLY C 16 -28.10 15.10 -2.12
C GLY C 16 -28.78 15.68 -3.34
N ARG C 17 -28.95 14.86 -4.38
CA ARG C 17 -29.47 15.36 -5.66
C ARG C 17 -30.84 16.00 -5.48
N GLU C 18 -31.00 17.16 -6.09
CA GLU C 18 -32.22 17.93 -5.90
C GLU C 18 -33.48 17.15 -6.24
N ASP C 19 -33.45 16.34 -7.31
CA ASP C 19 -34.71 15.98 -7.96
C ASP C 19 -34.87 14.49 -8.24
N VAL C 20 -34.00 13.63 -7.71
CA VAL C 20 -34.14 12.18 -7.78
C VAL C 20 -33.56 11.57 -6.52
N PHE C 21 -34.26 10.58 -5.96
CA PHE C 21 -33.69 9.71 -4.93
C PHE C 21 -34.02 8.25 -5.30
N SER C 22 -33.59 7.33 -4.45
CA SER C 22 -33.81 5.92 -4.73
C SER C 22 -34.32 5.25 -3.47
N ILE C 23 -35.04 4.13 -3.64
CA ILE C 23 -35.48 3.31 -2.52
C ILE C 23 -34.94 1.90 -2.70
N GLN C 24 -34.49 1.32 -1.59
CA GLN C 24 -33.84 0.02 -1.60
C GLN C 24 -34.87 -1.06 -1.85
N TYR C 25 -34.47 -2.11 -2.57
CA TYR C 25 -35.25 -3.33 -2.71
C TYR C 25 -34.28 -4.50 -2.91
N GLU C 26 -34.83 -5.70 -3.17
CA GLU C 26 -33.98 -6.90 -3.08
C GLU C 26 -32.92 -6.96 -4.17
N GLY C 27 -33.16 -6.32 -5.32
CA GLY C 27 -32.22 -6.35 -6.41
C GLY C 27 -31.34 -5.13 -6.51
N GLY C 28 -31.55 -4.15 -5.63
CA GLY C 28 -30.76 -2.93 -5.65
C GLY C 28 -31.49 -1.72 -5.10
N TYR C 29 -31.41 -0.61 -5.84
CA TYR C 29 -32.05 0.63 -5.45
C TYR C 29 -32.76 1.19 -6.68
N ARG C 30 -34.03 1.55 -6.50
CA ARG C 30 -34.87 1.95 -7.63
C ARG C 30 -35.01 3.46 -7.65
N PRO C 31 -34.61 4.15 -8.71
CA PRO C 31 -34.69 5.62 -8.72
C PRO C 31 -36.14 6.09 -8.66
N ILE C 32 -36.39 7.09 -7.82
CA ILE C 32 -37.69 7.72 -7.68
C ILE C 32 -37.51 9.14 -8.21
N ARG C 33 -38.00 9.39 -9.42
CA ARG C 33 -37.63 10.60 -10.18
C ARG C 33 -38.50 11.79 -9.73
N ARG C 34 -38.23 12.24 -8.51
CA ARG C 34 -38.90 13.40 -7.96
C ARG C 34 -38.15 13.84 -6.71
N PRO C 35 -38.23 15.13 -6.33
CA PRO C 35 -37.56 15.58 -5.10
C PRO C 35 -38.03 14.77 -3.89
N LEU C 36 -37.07 14.44 -3.04
CA LEU C 36 -37.37 13.89 -1.72
C LEU C 36 -38.29 14.85 -0.96
N ASN C 37 -39.17 14.30 -0.12
CA ASN C 37 -40.01 15.15 0.71
C ASN C 37 -40.07 14.58 2.13
N PHE C 38 -40.79 15.30 2.99
CA PHE C 38 -40.94 14.93 4.39
C PHE C 38 -41.48 13.51 4.53
N GLN C 39 -42.50 13.17 3.73
CA GLN C 39 -43.12 11.86 3.82
C GLN C 39 -42.13 10.75 3.53
N ASP C 40 -41.18 10.98 2.61
CA ASP C 40 -40.19 9.96 2.33
C ASP C 40 -39.30 9.72 3.54
N ILE C 41 -39.01 10.77 4.30
CA ILE C 41 -38.21 10.59 5.52
C ILE C 41 -38.99 9.76 6.53
N LYS C 42 -40.28 10.05 6.69
CA LYS C 42 -41.11 9.30 7.63
C LYS C 42 -41.17 7.83 7.27
N ASN C 43 -41.37 7.52 5.97
CA ASN C 43 -41.36 6.13 5.52
C ASN C 43 -40.00 5.49 5.71
N HIS C 44 -38.93 6.28 5.59
CA HIS C 44 -37.58 5.78 5.86
C HIS C 44 -37.41 5.44 7.34
N PHE C 45 -37.82 6.36 8.21
CA PHE C 45 -37.67 6.17 9.65
C PHE C 45 -38.56 5.04 10.16
N SER C 46 -39.73 4.86 9.55
CA SER C 46 -40.71 3.85 9.93
C SER C 46 -40.31 2.43 9.53
N GLY C 47 -39.20 2.24 8.84
CA GLY C 47 -38.85 0.93 8.30
C GLY C 47 -39.57 0.52 7.03
N LYS C 48 -40.43 1.38 6.46
CA LYS C 48 -41.26 1.00 5.33
C LYS C 48 -40.47 1.00 4.01
N LYS C 49 -39.91 2.15 3.63
CA LYS C 49 -39.14 2.27 2.40
C LYS C 49 -37.82 2.95 2.75
N THR C 50 -36.72 2.32 2.38
CA THR C 50 -35.39 2.75 2.80
C THR C 50 -34.74 3.66 1.75
N LEU C 51 -34.37 4.86 2.16
CA LEU C 51 -33.82 5.82 1.21
C LEU C 51 -32.38 5.50 0.84
N GLY C 52 -32.09 5.58 -0.45
CA GLY C 52 -30.74 5.69 -0.95
C GLY C 52 -30.59 7.04 -1.63
N ILE C 53 -29.64 7.84 -1.17
CA ILE C 53 -29.52 9.22 -1.60
C ILE C 53 -28.41 9.35 -2.62
N TYR C 54 -28.73 9.89 -3.79
CA TYR C 54 -27.68 10.24 -4.75
C TYR C 54 -26.87 11.41 -4.19
N LEU C 55 -25.58 11.17 -3.93
CA LEU C 55 -24.76 12.15 -3.24
C LEU C 55 -24.62 13.43 -4.04
N LEU C 56 -24.44 13.31 -5.37
CA LEU C 56 -24.02 14.42 -6.20
C LEU C 56 -25.19 15.32 -6.53
N LYS C 57 -25.07 16.60 -6.18
CA LYS C 57 -26.01 17.57 -6.71
C LYS C 57 -25.71 17.79 -8.19
N LYS C 58 -26.68 18.40 -8.88
CA LYS C 58 -26.58 18.50 -10.35
C LYS C 58 -25.37 19.32 -10.80
N ASN C 59 -24.77 20.12 -9.91
CA ASN C 59 -23.58 20.89 -10.21
C ASN C 59 -22.31 20.21 -9.73
N ASP C 60 -22.34 18.89 -9.51
CA ASP C 60 -21.15 18.10 -9.19
C ASP C 60 -20.54 18.47 -7.82
N THR C 61 -21.35 18.98 -6.89
CA THR C 61 -20.95 19.22 -5.51
C THR C 61 -21.64 18.23 -4.59
N VAL C 62 -21.12 18.09 -3.36
CA VAL C 62 -21.73 17.24 -2.33
C VAL C 62 -21.74 17.98 -0.99
N LYS C 63 -22.81 17.79 -0.23
CA LYS C 63 -22.89 18.29 1.14
C LYS C 63 -22.42 17.25 2.16
N PHE C 64 -22.24 16.00 1.74
CA PHE C 64 -21.77 14.97 2.64
C PHE C 64 -21.00 13.95 1.82
N ALA C 65 -20.13 13.22 2.50
CA ALA C 65 -19.36 12.14 1.90
C ALA C 65 -19.29 11.01 2.92
N ALA C 66 -18.67 9.89 2.54
CA ALA C 66 -18.67 8.76 3.46
C ALA C 66 -17.72 7.66 3.08
N TYR C 67 -16.95 7.19 4.05
CA TYR C 67 -16.25 5.92 3.89
C TYR C 67 -17.23 4.80 4.17
N ASP C 68 -17.15 3.74 3.36
CA ASP C 68 -17.97 2.55 3.48
C ASP C 68 -17.02 1.39 3.78
N ILE C 69 -17.07 0.88 5.00
CA ILE C 69 -16.18 -0.19 5.44
C ILE C 69 -17.01 -1.48 5.47
N ASP C 70 -16.64 -2.43 4.63
CA ASP C 70 -17.40 -3.65 4.41
C ASP C 70 -16.53 -4.85 4.78
N ILE C 71 -17.09 -5.78 5.56
CA ILE C 71 -16.59 -7.16 5.54
C ILE C 71 -16.95 -7.76 4.19
N LYS C 72 -15.96 -8.34 3.51
CA LYS C 72 -16.21 -9.00 2.23
C LYS C 72 -17.19 -10.17 2.40
N LYS C 73 -18.02 -10.40 1.38
CA LYS C 73 -19.13 -11.34 1.53
C LYS C 73 -18.65 -12.76 1.80
N HIS C 74 -17.52 -13.16 1.21
CA HIS C 74 -17.00 -14.50 1.46
C HIS C 74 -16.35 -14.65 2.83
N TYR C 75 -16.31 -13.60 3.65
CA TYR C 75 -15.81 -13.70 5.01
C TYR C 75 -16.93 -13.69 6.07
N LEU C 76 -18.15 -13.37 5.66
CA LEU C 76 -19.27 -13.24 6.60
C LEU C 76 -19.66 -14.58 7.22
N ASN C 77 -20.11 -15.53 6.41
CA ASN C 77 -20.59 -16.80 6.93
C ASN C 77 -19.43 -17.76 7.19
N ARG C 78 -18.56 -17.33 8.10
CA ARG C 78 -17.48 -18.17 8.60
C ARG C 78 -17.64 -18.29 10.11
N GLU C 79 -17.11 -19.39 10.65
N GLU C 79 -17.10 -19.38 10.66
CA GLU C 79 -17.16 -19.58 12.10
CA GLU C 79 -17.15 -19.59 12.10
C GLU C 79 -16.29 -18.57 12.84
C GLU C 79 -16.24 -18.63 12.86
N ASP C 80 -15.26 -18.03 12.18
CA ASP C 80 -14.39 -17.02 12.76
C ASP C 80 -14.70 -15.62 12.21
N LYS C 81 -15.96 -15.39 11.83
CA LYS C 81 -16.38 -14.08 11.36
C LYS C 81 -16.01 -12.98 12.35
N PHE C 82 -15.98 -13.29 13.66
CA PHE C 82 -15.67 -12.28 14.66
C PHE C 82 -14.30 -11.63 14.41
N VAL C 83 -13.33 -12.39 13.89
CA VAL C 83 -12.03 -11.84 13.55
C VAL C 83 -12.18 -10.72 12.53
N TYR C 84 -13.15 -10.87 11.62
CA TYR C 84 -13.43 -9.88 10.59
C TYR C 84 -14.37 -8.80 11.08
N GLU C 85 -15.23 -9.11 12.06
CA GLU C 85 -15.96 -8.03 12.71
C GLU C 85 -14.99 -7.09 13.42
N GLU C 86 -14.00 -7.65 14.12
CA GLU C 86 -12.98 -6.84 14.76
C GLU C 86 -12.13 -6.07 13.74
N ASN C 87 -11.86 -6.68 12.57
CA ASN C 87 -11.02 -6.02 11.58
C ASN C 87 -11.73 -4.82 10.97
N SER C 88 -13.04 -4.92 10.79
CA SER C 88 -13.76 -3.78 10.24
C SER C 88 -13.77 -2.63 11.24
N LYS C 89 -13.86 -2.96 12.53
CA LYS C 89 -13.73 -1.95 13.58
C LYS C 89 -12.30 -1.42 13.64
N LYS C 90 -11.31 -2.28 13.40
CA LYS C 90 -9.92 -1.80 13.36
C LYS C 90 -9.74 -0.79 12.23
N VAL C 91 -10.17 -1.18 11.03
CA VAL C 91 -10.04 -0.30 9.87
C VAL C 91 -10.78 1.01 10.10
N ALA C 92 -12.05 0.92 10.53
CA ALA C 92 -12.81 2.13 10.83
C ALA C 92 -12.05 3.02 11.80
N LYS C 93 -11.39 2.43 12.80
CA LYS C 93 -10.62 3.20 13.76
C LYS C 93 -9.39 3.85 13.12
N ARG C 94 -8.74 3.17 12.16
CA ARG C 94 -7.63 3.80 11.45
C ARG C 94 -8.06 5.06 10.73
N LEU C 95 -9.09 4.92 9.87
CA LEU C 95 -9.57 6.06 9.09
C LEU C 95 -10.05 7.16 10.00
N SER C 96 -10.67 6.82 11.13
CA SER C 96 -11.09 7.84 12.07
C SER C 96 -9.89 8.64 12.56
N ARG C 97 -8.77 7.95 12.80
CA ARG C 97 -7.58 8.61 13.31
C ARG C 97 -6.97 9.54 12.26
N GLU C 98 -6.89 9.10 11.01
CA GLU C 98 -6.43 9.99 9.95
C GLU C 98 -7.31 11.23 9.86
N LEU C 99 -8.63 11.02 9.80
CA LEU C 99 -9.55 12.15 9.80
C LEU C 99 -9.33 13.05 11.01
N ASN C 100 -8.90 12.48 12.14
CA ASN C 100 -8.60 13.29 13.31
C ASN C 100 -7.35 14.15 13.06
N LEU C 101 -6.41 13.66 12.26
CA LEU C 101 -5.21 14.46 12.00
C LEU C 101 -5.52 15.65 11.11
N GLU C 102 -6.54 15.55 10.27
CA GLU C 102 -6.94 16.66 9.42
C GLU C 102 -8.03 17.51 10.04
N ASN C 103 -8.33 17.30 11.32
CA ASN C 103 -9.36 18.07 12.00
C ASN C 103 -10.70 18.02 11.27
N ILE C 104 -11.03 16.84 10.73
CA ILE C 104 -12.28 16.62 10.00
C ILE C 104 -13.29 15.93 10.92
N THR C 105 -14.39 16.61 11.21
CA THR C 105 -15.46 16.03 12.01
C THR C 105 -16.12 14.88 11.24
N HIS C 106 -16.42 13.80 11.96
CA HIS C 106 -17.01 12.62 11.33
C HIS C 106 -17.81 11.84 12.37
N TYR C 107 -18.68 10.98 11.86
CA TYR C 107 -19.61 10.20 12.68
C TYR C 107 -19.73 8.79 12.12
N PHE C 108 -19.93 7.83 13.02
CA PHE C 108 -19.99 6.42 12.66
C PHE C 108 -21.44 5.96 12.56
N GLU C 109 -21.66 4.96 11.70
CA GLU C 109 -22.96 4.33 11.56
C GLU C 109 -22.79 2.83 11.32
N PHE C 110 -23.52 2.01 12.08
CA PHE C 110 -23.64 0.60 11.74
C PHE C 110 -24.61 0.45 10.57
N THR C 111 -24.14 -0.15 9.49
CA THR C 111 -24.93 -0.13 8.25
C THR C 111 -25.97 -1.25 8.17
N GLY C 112 -26.22 -1.99 9.25
CA GLY C 112 -27.34 -2.89 9.24
C GLY C 112 -27.09 -4.21 8.57
N ASN C 113 -25.84 -4.53 8.26
CA ASN C 113 -25.49 -5.80 7.63
C ASN C 113 -24.03 -6.12 7.94
N ARG C 114 -23.08 -5.58 7.18
CA ARG C 114 -21.73 -6.10 7.23
C ARG C 114 -20.65 -5.04 7.44
N GLY C 115 -20.97 -3.89 8.05
CA GLY C 115 -19.89 -2.94 8.28
C GLY C 115 -20.37 -1.61 8.81
N TYR C 116 -19.63 -0.56 8.46
CA TYR C 116 -19.80 0.76 9.03
C TYR C 116 -19.68 1.82 7.94
N HIS C 117 -20.38 2.94 8.14
CA HIS C 117 -20.18 4.15 7.37
C HIS C 117 -19.50 5.17 8.27
N ILE C 118 -18.59 5.95 7.69
CA ILE C 118 -18.02 7.12 8.35
C ILE C 118 -18.51 8.33 7.60
N TRP C 119 -19.44 9.05 8.21
CA TRP C 119 -20.12 10.16 7.56
C TRP C 119 -19.35 11.46 7.79
N ILE C 120 -19.20 12.25 6.73
CA ILE C 120 -18.56 13.56 6.79
C ILE C 120 -19.56 14.57 6.22
N PHE C 121 -19.90 15.59 6.99
CA PHE C 121 -20.86 16.59 6.56
C PHE C 121 -20.19 17.96 6.40
N PHE C 122 -20.71 18.77 5.47
CA PHE C 122 -20.20 20.10 5.22
C PHE C 122 -21.30 21.15 5.39
N ASP C 123 -20.93 22.30 5.94
CA ASP C 123 -21.89 23.38 6.10
C ASP C 123 -22.42 23.84 4.75
N ILE C 124 -21.62 23.69 3.70
CA ILE C 124 -21.93 24.14 2.35
C ILE C 124 -21.42 23.07 1.38
N PRO C 125 -22.11 22.79 0.27
CA PRO C 125 -21.59 21.79 -0.68
C PRO C 125 -20.19 22.15 -1.17
N VAL C 126 -19.34 21.14 -1.31
CA VAL C 126 -18.02 21.31 -1.87
C VAL C 126 -17.97 20.49 -3.16
N SER C 127 -17.10 20.90 -4.09
CA SER C 127 -16.82 20.10 -5.28
C SER C 127 -16.58 18.66 -4.89
N ALA C 128 -17.21 17.73 -5.63
CA ALA C 128 -17.11 16.32 -5.26
C ALA C 128 -15.67 15.82 -5.39
N TYR C 129 -14.96 16.28 -6.41
CA TYR C 129 -13.61 15.77 -6.62
C TYR C 129 -12.66 16.18 -5.52
N LYS C 130 -12.94 17.27 -4.81
CA LYS C 130 -11.99 17.69 -3.80
C LYS C 130 -12.06 16.80 -2.58
N ILE C 131 -13.28 16.49 -2.13
CA ILE C 131 -13.42 15.63 -0.97
C ILE C 131 -13.04 14.19 -1.32
N LYS C 132 -13.31 13.72 -2.55
CA LYS C 132 -12.87 12.37 -2.88
C LYS C 132 -11.35 12.28 -2.88
N TYR C 133 -10.68 13.28 -3.47
CA TYR C 133 -9.22 13.34 -3.47
C TYR C 133 -8.66 13.26 -2.04
N ILE C 134 -9.18 14.11 -1.16
CA ILE C 134 -8.78 14.09 0.26
C ILE C 134 -8.98 12.71 0.84
N MET C 135 -10.18 12.14 0.66
CA MET C 135 -10.44 10.85 1.28
C MET C 135 -9.56 9.77 0.66
N GLU C 136 -9.21 9.93 -0.62
CA GLU C 136 -8.27 8.99 -1.26
C GLU C 136 -6.89 9.08 -0.62
N LYS C 137 -6.39 10.31 -0.41
CA LYS C 137 -5.08 10.47 0.21
C LYS C 137 -5.05 9.83 1.59
N ILE C 138 -6.15 9.92 2.33
CA ILE C 138 -6.24 9.28 3.64
C ILE C 138 -6.19 7.76 3.49
N LEU C 139 -6.99 7.23 2.57
CA LEU C 139 -7.09 5.79 2.43
C LEU C 139 -5.78 5.20 1.92
N ASP C 140 -5.12 5.91 1.02
CA ASP C 140 -3.87 5.40 0.46
C ASP C 140 -2.73 5.46 1.46
N ARG C 141 -2.90 6.19 2.57
CA ARG C 141 -1.90 6.32 3.64
C ARG C 141 -1.84 5.11 4.57
N ILE C 142 -2.91 4.32 4.65
CA ILE C 142 -3.07 3.27 5.65
C ILE C 142 -3.10 1.92 4.96
N GLU C 143 -2.86 0.89 5.76
CA GLU C 143 -3.21 -0.48 5.40
C GLU C 143 -4.60 -0.79 5.94
N LEU C 144 -5.28 -1.72 5.27
CA LEU C 144 -6.53 -2.26 5.79
C LEU C 144 -6.21 -3.53 6.57
N GLU C 145 -7.12 -4.49 6.60
CA GLU C 145 -6.89 -5.79 7.22
C GLU C 145 -7.52 -6.85 6.34
N GLU C 146 -7.14 -8.10 6.57
CA GLU C 146 -7.73 -9.21 5.84
C GLU C 146 -9.25 -9.21 5.98
N GLY C 147 -9.94 -9.43 4.86
CA GLY C 147 -11.39 -9.51 4.86
C GLY C 147 -12.14 -8.18 4.77
N ILE C 148 -11.45 -7.05 4.69
CA ILE C 148 -12.10 -5.74 4.80
C ILE C 148 -11.89 -4.96 3.51
N ASP C 149 -12.97 -4.34 3.04
CA ASP C 149 -12.96 -3.41 1.92
C ASP C 149 -13.35 -2.03 2.42
N VAL C 150 -12.78 -0.99 1.81
CA VAL C 150 -13.20 0.40 2.02
C VAL C 150 -13.53 1.01 0.68
N GLU C 151 -14.74 1.56 0.55
CA GLU C 151 -15.16 2.33 -0.60
C GLU C 151 -15.36 3.79 -0.20
N ILE C 152 -15.17 4.69 -1.17
CA ILE C 152 -15.32 6.12 -0.95
C ILE C 152 -16.53 6.60 -1.73
N PHE C 153 -17.43 7.28 -1.04
CA PHE C 153 -18.59 7.92 -1.62
C PHE C 153 -18.43 9.42 -1.44
N PRO C 154 -18.50 10.23 -2.54
CA PRO C 154 -18.73 9.76 -3.91
C PRO C 154 -17.49 9.22 -4.63
N LYS C 155 -17.67 8.25 -5.53
CA LYS C 155 -16.58 7.85 -6.42
C LYS C 155 -16.68 8.53 -7.78
N GLN C 156 -17.87 8.55 -8.37
CA GLN C 156 -18.11 9.35 -9.56
C GLN C 156 -18.34 10.79 -9.13
N THR C 157 -17.48 11.69 -9.60
CA THR C 157 -17.55 13.09 -9.24
C THR C 157 -18.03 14.02 -10.36
N SER C 158 -18.39 13.47 -11.54
CA SER C 158 -19.00 14.21 -12.63
C SER C 158 -20.26 13.48 -13.09
N LEU C 159 -21.43 14.12 -12.95
CA LEU C 159 -22.67 13.49 -13.38
C LEU C 159 -22.69 13.26 -14.89
N ASN C 160 -22.60 14.33 -15.68
CA ASN C 160 -22.62 14.29 -17.14
C ASN C 160 -23.80 13.45 -17.66
N GLY C 161 -25.00 13.85 -17.26
CA GLY C 161 -26.18 13.14 -17.71
C GLY C 161 -26.52 11.88 -16.95
N GLY C 162 -25.79 11.57 -15.87
CA GLY C 162 -26.04 10.41 -15.06
C GLY C 162 -26.63 10.77 -13.70
N LEU C 163 -26.97 9.72 -12.94
CA LEU C 163 -27.44 9.92 -11.58
C LEU C 163 -26.32 9.80 -10.57
N GLY C 164 -25.27 9.03 -10.88
CA GLY C 164 -24.17 8.88 -9.96
C GLY C 164 -24.45 7.90 -8.82
N ASN C 165 -23.48 7.86 -7.89
CA ASN C 165 -23.56 6.94 -6.77
C ASN C 165 -24.66 7.36 -5.80
N LEU C 166 -25.25 6.36 -5.16
CA LEU C 166 -26.19 6.57 -4.06
C LEU C 166 -25.68 5.79 -2.85
N ILE C 167 -26.08 6.24 -1.65
CA ILE C 167 -25.70 5.60 -0.40
C ILE C 167 -26.93 5.51 0.47
N LYS C 168 -27.18 4.32 1.02
CA LYS C 168 -28.26 4.16 1.97
C LYS C 168 -27.98 5.04 3.19
N VAL C 169 -28.91 5.95 3.49
CA VAL C 169 -28.70 6.83 4.64
C VAL C 169 -29.16 6.11 5.90
N PRO C 170 -28.71 6.52 7.09
CA PRO C 170 -28.99 5.74 8.31
C PRO C 170 -30.40 6.03 8.83
N LEU C 171 -30.70 5.42 9.98
CA LEU C 171 -31.96 5.54 10.73
C LEU C 171 -33.12 4.83 10.05
N GLY C 172 -32.86 4.08 8.99
CA GLY C 172 -33.83 3.20 8.40
C GLY C 172 -33.46 1.76 8.60
N VAL C 173 -33.99 0.89 7.74
CA VAL C 173 -33.83 -0.55 7.87
C VAL C 173 -33.17 -1.07 6.61
N HIS C 174 -32.12 -1.86 6.79
CA HIS C 174 -31.45 -2.54 5.68
C HIS C 174 -32.35 -3.66 5.20
N LYS C 175 -32.97 -3.47 4.03
CA LYS C 175 -33.95 -4.43 3.55
C LYS C 175 -33.37 -5.80 3.24
N LYS C 176 -32.04 -5.93 3.12
CA LYS C 176 -31.49 -7.27 2.89
C LYS C 176 -31.45 -8.10 4.17
N THR C 177 -31.38 -7.46 5.35
CA THR C 177 -31.27 -8.17 6.60
C THR C 177 -32.40 -7.92 7.59
N GLY C 178 -33.13 -6.81 7.46
CA GLY C 178 -34.13 -6.47 8.43
C GLY C 178 -33.62 -5.78 9.67
N LYS C 179 -32.37 -5.31 9.67
CA LYS C 179 -31.77 -4.66 10.83
C LYS C 179 -31.74 -3.14 10.67
N LYS C 180 -31.82 -2.43 11.79
CA LYS C 180 -31.76 -0.98 11.76
C LYS C 180 -30.33 -0.51 11.50
N CYS C 181 -30.22 0.53 10.67
CA CYS C 181 -28.96 1.25 10.44
C CYS C 181 -28.90 2.43 11.42
N LEU C 182 -27.92 2.41 12.31
CA LEU C 182 -27.92 3.27 13.49
C LEU C 182 -26.56 3.91 13.67
N PHE C 183 -26.55 5.12 14.23
CA PHE C 183 -25.30 5.73 14.66
C PHE C 183 -24.73 5.00 15.86
N VAL C 184 -23.42 4.75 15.82
CA VAL C 184 -22.67 4.11 16.91
C VAL C 184 -21.60 5.09 17.38
N ASP C 185 -21.14 4.89 18.61
CA ASP C 185 -20.08 5.74 19.17
C ASP C 185 -18.72 5.17 18.79
N ASN C 186 -17.68 5.69 19.43
CA ASN C 186 -16.32 5.31 19.09
C ASN C 186 -15.96 3.90 19.54
N ASP C 187 -16.72 3.35 20.49
CA ASP C 187 -16.61 1.94 20.84
C ASP C 187 -17.53 1.06 20.01
N PHE C 188 -18.20 1.65 19.01
CA PHE C 188 -19.13 0.97 18.12
C PHE C 188 -20.36 0.47 18.83
N ASN C 189 -20.65 1.01 20.01
CA ASN C 189 -21.90 0.75 20.70
C ASN C 189 -22.99 1.65 20.13
N VAL C 190 -24.21 1.12 20.04
CA VAL C 190 -25.31 1.87 19.44
C VAL C 190 -25.64 3.05 20.35
N ILE C 191 -25.64 4.26 19.77
CA ILE C 191 -26.10 5.43 20.51
C ILE C 191 -27.53 5.18 20.99
N GLU C 192 -27.76 5.43 22.28
CA GLU C 192 -29.08 5.21 22.85
C GLU C 192 -30.12 6.15 22.23
N ASN C 193 -29.83 7.46 22.23
CA ASN C 193 -30.74 8.48 21.70
C ASN C 193 -30.27 8.89 20.31
N GLN C 194 -30.88 8.29 19.28
CA GLN C 194 -30.40 8.48 17.91
C GLN C 194 -30.72 9.87 17.38
N ILE C 195 -31.89 10.40 17.71
CA ILE C 195 -32.30 11.68 17.13
C ILE C 195 -31.54 12.83 17.78
N GLU C 196 -31.28 12.75 19.09
CA GLU C 196 -30.45 13.78 19.72
C GLU C 196 -29.07 13.79 19.09
N PHE C 197 -28.52 12.61 18.81
CA PHE C 197 -27.22 12.48 18.18
C PHE C 197 -27.18 13.17 16.82
N LEU C 198 -28.15 12.84 15.95
CA LEU C 198 -28.28 13.52 14.65
C LEU C 198 -28.38 15.02 14.81
N ASN C 199 -29.09 15.49 15.85
CA ASN C 199 -29.21 16.93 16.07
C ASN C 199 -27.89 17.55 16.50
N ASN C 200 -26.98 16.76 17.07
CA ASN C 200 -25.71 17.28 17.57
C ASN C 200 -24.58 17.09 16.58
N ILE C 201 -24.88 16.57 15.40
CA ILE C 201 -23.87 16.36 14.38
C ILE C 201 -23.32 17.70 13.91
N LYS C 202 -22.00 17.84 13.91
CA LYS C 202 -21.32 19.05 13.48
C LYS C 202 -20.86 18.90 12.04
N GLU C 203 -20.99 19.98 11.28
CA GLU C 203 -20.56 20.02 9.89
C GLU C 203 -19.17 20.63 9.81
N ASN C 204 -18.41 20.18 8.81
CA ASN C 204 -17.10 20.76 8.52
C ASN C 204 -17.24 22.02 7.68
N LYS C 205 -16.31 22.95 7.85
CA LYS C 205 -16.36 24.19 7.09
C LYS C 205 -15.83 23.93 5.68
N ALA C 206 -16.66 24.22 4.67
CA ALA C 206 -16.23 24.10 3.29
C ALA C 206 -14.93 24.84 3.04
N THR C 207 -14.79 26.05 3.60
CA THR C 207 -13.56 26.84 3.41
C THR C 207 -12.35 26.08 3.90
N GLU C 208 -12.49 25.35 5.02
N GLU C 208 -12.49 25.34 5.01
CA GLU C 208 -11.40 24.54 5.54
CA GLU C 208 -11.38 24.55 5.54
C GLU C 208 -11.15 23.31 4.68
C GLU C 208 -11.15 23.30 4.70
N ILE C 209 -12.23 22.70 4.17
CA ILE C 209 -12.08 21.56 3.28
C ILE C 209 -11.36 21.97 1.99
N ASN C 210 -11.81 23.07 1.39
CA ASN C 210 -11.19 23.55 0.16
C ASN C 210 -9.72 23.88 0.38
N LYS C 211 -9.38 24.48 1.52
CA LYS C 211 -7.99 24.82 1.78
C LYS C 211 -7.14 23.56 1.96
N LEU C 212 -7.72 22.51 2.57
CA LEU C 212 -7.00 21.25 2.71
C LEU C 212 -6.75 20.58 1.36
N PHE C 213 -7.77 20.52 0.50
CA PHE C 213 -7.53 20.02 -0.85
C PHE C 213 -6.42 20.80 -1.55
N ARG C 214 -6.48 22.12 -1.49
CA ARG C 214 -5.41 22.95 -2.06
C ARG C 214 -4.05 22.51 -1.54
N GLU C 215 -3.93 22.28 -0.23
CA GLU C 215 -2.63 21.94 0.33
C GLU C 215 -2.17 20.55 -0.09
N ILE C 216 -3.07 19.56 -0.05
CA ILE C 216 -2.73 18.19 -0.41
C ILE C 216 -2.41 18.07 -1.89
N PHE C 217 -3.24 18.70 -2.74
CA PHE C 217 -3.09 18.59 -4.19
C PHE C 217 -1.78 19.20 -4.67
N ASN C 218 -1.39 20.33 -4.08
CA ASN C 218 -0.13 20.99 -4.41
C ASN C 218 1.01 20.49 -3.51
N GLU C 219 1.11 19.15 -3.44
CA GLU C 219 2.25 18.38 -2.90
C GLU C 219 2.48 18.51 -1.40
CO CO E . 22.64 8.48 -0.72
N1 DZ4 F . 30.71 -0.38 1.08
C2 DZ4 F . 30.05 -0.33 2.25
N3 DZ4 F . 29.13 0.63 2.46
C4 DZ4 F . 28.90 1.53 1.50
C5 DZ4 F . 29.56 1.48 0.36
C6 DZ4 F . 30.48 0.50 0.15
N6 DZ4 F . 31.35 0.14 -0.94
N7 DZ4 F . 29.15 2.45 -0.41
C8 DZ4 F . 28.23 3.15 0.25
N9 DZ4 F . 28.08 2.56 1.43
PA DZ4 F . 24.95 6.22 -0.93
PB DZ4 F . 25.57 8.75 0.43
PG DZ4 F . 25.34 10.19 -2.00
C1' DZ4 F . 27.24 2.92 2.57
O1A DZ4 F . 23.71 6.73 -1.57
O1B DZ4 F . 26.43 8.71 1.65
O1G DZ4 F . 25.02 11.60 -2.28
C2' DZ4 F . 27.54 4.46 2.99
O2A DZ4 F . 25.63 5.23 -1.82
O2B DZ4 F . 24.13 8.70 0.83
O2G DZ4 F . 26.34 9.69 -2.97
C3' DZ4 F . 26.66 5.20 2.42
O3' DZ4 F . 26.33 6.37 3.31
N3A DZ4 F . 25.97 7.52 -0.64
O3B DZ4 F . 25.86 10.09 -0.45
O3G DZ4 F . 24.10 9.41 -2.20
C4' DZ4 F . 25.46 4.26 2.17
O4' DZ4 F . 25.98 2.84 2.31
C5' DZ4 F . 25.01 4.34 0.84
O5' DZ4 F . 24.55 5.59 0.54
CO CO G . 7.42 -23.03 -17.54
CO CO H . 6.87 -19.70 -18.72
CO CO I . -10.70 -14.06 -30.84
N1 DZ4 J . 14.48 -20.81 -9.47
C2 DZ4 J . 13.32 -20.75 -8.76
N3 DZ4 J . 12.13 -20.61 -9.41
C4 DZ4 J . 12.11 -20.52 -10.76
C5 DZ4 J . 13.26 -20.57 -11.45
C6 DZ4 J . 14.46 -20.71 -10.79
N6 DZ4 J . 15.83 -20.79 -11.25
N7 DZ4 J . 12.98 -20.46 -12.76
C8 DZ4 J . 11.67 -20.34 -12.89
N9 DZ4 J . 11.14 -20.38 -11.66
PA DZ4 J . 9.55 -20.03 -16.58
PB DZ4 J . 8.16 -17.49 -16.80
PG DZ4 J . 8.80 -17.11 -19.52
C1' DZ4 J . 9.75 -20.25 -11.29
O1A DZ4 J . 8.81 -20.78 -17.65
O1B DZ4 J . 7.98 -16.67 -15.55
O1G DZ4 J . 8.37 -18.55 -19.56
C2' DZ4 J . 9.22 -18.76 -11.65
O2A DZ4 J . 10.93 -20.60 -16.37
O2B DZ4 J . 6.92 -18.34 -16.97
O2G DZ4 J . 8.23 -16.29 -20.66
C3' DZ4 J . 8.74 -18.85 -12.86
O3' DZ4 J . 7.67 -17.81 -13.09
N3A DZ4 J . 9.61 -18.37 -16.87
O3B DZ4 J . 8.26 -16.48 -18.09
O3G DZ4 J . 10.31 -17.08 -19.53
C4' DZ4 J . 8.23 -20.31 -12.99
O4' DZ4 J . 8.98 -21.09 -11.92
C5' DZ4 J . 8.56 -20.93 -14.23
O5' DZ4 J . 8.61 -19.97 -15.22
PG GTP K . 16.77 -22.79 -18.46
O1G GTP K . 16.78 -22.27 -19.88
O2G GTP K . 15.45 -22.40 -17.84
O3G GTP K . 17.90 -22.13 -17.69
O3B GTP K . 16.99 -24.41 -18.49
PB GTP K . 16.21 -25.48 -17.53
O1B GTP K . 16.24 -26.88 -18.09
O2B GTP K . 16.78 -25.46 -16.13
O3A GTP K . 14.67 -24.95 -17.57
PA GTP K . 13.61 -25.11 -18.79
O1A GTP K . 13.75 -23.98 -19.79
O2A GTP K . 13.68 -26.47 -19.46
O5' GTP K . 12.22 -24.89 -18.01
C5' GTP K . 11.34 -25.92 -17.63
C4' GTP K . 10.59 -25.45 -16.39
O4' GTP K . 11.29 -25.88 -15.25
C3' GTP K . 10.54 -23.93 -16.26
O3' GTP K . 9.38 -23.40 -16.85
C2' GTP K . 10.53 -23.71 -14.76
O2' GTP K . 9.23 -23.84 -14.24
C1' GTP K . 11.31 -24.88 -14.24
N9 GTP K . 12.71 -24.53 -13.90
C8 GTP K . 13.79 -24.43 -14.75
N7 GTP K . 14.88 -24.13 -14.01
C5 GTP K . 14.52 -24.04 -12.70
C6 GTP K . 15.22 -23.78 -11.52
O6 GTP K . 16.43 -23.55 -11.55
N1 GTP K . 14.54 -23.77 -10.31
C2 GTP K . 13.19 -24.03 -10.27
N2 GTP K . 12.53 -24.02 -9.12
N3 GTP K . 12.50 -24.29 -11.43
C4 GTP K . 13.15 -24.31 -12.63
N1 DZ4 L . -10.51 -16.90 -42.25
C2 DZ4 L . -10.91 -16.04 -41.26
N3 DZ4 L . -10.00 -15.62 -40.32
C4 DZ4 L . -8.71 -16.03 -40.39
C5 DZ4 L . -8.32 -16.86 -41.36
C6 DZ4 L . -9.23 -17.31 -42.30
N6 DZ4 L . -9.14 -18.18 -43.47
N7 DZ4 L . -7.01 -17.11 -41.23
C8 DZ4 L . -6.57 -16.44 -40.16
N9 DZ4 L . -7.61 -15.77 -39.64
PA DZ4 L . -9.19 -16.53 -33.58
PB DZ4 L . -12.16 -16.41 -33.23
PG DZ4 L . -12.18 -17.27 -30.41
C1' DZ4 L . -7.54 -14.91 -38.47
O1A DZ4 L . -9.10 -15.21 -32.82
O1B DZ4 L . -13.03 -16.93 -34.35
O1G DZ4 L . -13.10 -17.06 -29.23
C2' DZ4 L . -8.41 -13.53 -38.59
O2A DZ4 L . -8.06 -17.45 -33.14
O2B DZ4 L . -11.93 -14.93 -33.41
O2G DZ4 L . -11.89 -18.74 -30.59
C3' DZ4 L . -9.34 -13.64 -37.69
O3' DZ4 L . -9.83 -12.31 -37.15
N3A DZ4 L . -10.69 -17.28 -33.28
O3B DZ4 L . -12.90 -16.66 -31.78
O3G DZ4 L . -10.89 -16.53 -30.15
C4' DZ4 L . -8.63 -14.45 -36.59
O4' DZ4 L . -8.00 -15.54 -37.43
C5' DZ4 L . -9.55 -14.98 -35.66
O5' DZ4 L . -9.04 -16.19 -35.18
CO CO M . -19.74 -1.47 -0.07
CO CO N . -21.19 -1.24 3.14
N1 DZ4 O . -27.27 -0.64 -6.92
C2 DZ4 O . -27.08 0.69 -6.67
N3 DZ4 O . -26.44 1.12 -5.53
C4 DZ4 O . -25.99 0.20 -4.65
C5 DZ4 O . -26.19 -1.12 -4.89
C6 DZ4 O . -26.83 -1.55 -6.04
N6 DZ4 O . -27.17 -2.85 -6.58
N7 DZ4 O . -25.65 -1.82 -3.88
C8 DZ4 O . -25.13 -0.96 -3.00
N9 DZ4 O . -25.34 0.28 -3.47
PA DZ4 O . -22.96 -1.64 0.35
PB DZ4 O . -24.28 -0.59 2.78
PG DZ4 O . -23.81 -3.09 4.12
C1' DZ4 O . -24.95 1.52 -2.83
O1A DZ4 O . -23.02 -2.97 -0.34
O1B DZ4 O . -25.35 0.46 2.87
O1G DZ4 O . -23.60 -3.38 5.59
C2' DZ4 O . -25.83 1.69 -1.48
O2A DZ4 O . -21.72 -1.62 1.20
O2B DZ4 O . -22.89 -0.11 3.08
O2G DZ4 O . -24.65 -4.15 3.44
C3' DZ4 O . -25.09 1.29 -0.49
O3' DZ4 O . -25.43 2.03 0.78
N3A DZ4 O . -24.35 -1.37 1.28
O3B DZ4 O . -24.62 -1.67 3.98
O3G DZ4 O . -22.45 -2.98 3.49
C4' DZ4 O . -23.68 1.67 -0.96
O4' DZ4 O . -23.70 1.47 -2.47
C5' DZ4 O . -22.69 0.84 -0.39
O5' DZ4 O . -22.88 -0.48 -0.82
CO CO P . 17.28 -24.10 -14.45
#